data_4K2B
#
_entry.id   4K2B
#
_cell.length_a   50.240
_cell.length_b   106.455
_cell.length_c   98.646
_cell.angle_alpha   90.00
_cell.angle_beta   96.21
_cell.angle_gamma   90.00
#
_symmetry.space_group_name_H-M   'P 1 21 1'
#
loop_
_entity.id
_entity.type
_entity.pdbx_description
1 polymer 'NTD biosynthesis operon protein NtdA'
2 water water
#
_entity_poly.entity_id   1
_entity_poly.type   'polypeptide(L)'
_entity_poly.pdbx_seq_one_letter_code
;MQKQVKISGKSKENMSLLKHLKGDVQGKELVIEDSIVNERWKQVLKEKIDIEHDLFNYQKNREISKVPFLPVDRLITNDE
VEDILNTLTEVLPTGKFTSGPYLEQFEKVLSTYLHKRYVIATSSGTDAIMIGLLALGLNPGDEVIMPANSFSATENAVLA
SGGVPIYVDINPQTFCIDPDKIEEAITPYTKFILPVHLYGKHSDMQHIRQIANRYKLKVIEDACQGIGLTDLGKYADITT
LSFNPY(LLP)NFGVCGKAGAIATDNEELAKKCIQFSYHGFEVNVKNKKVINFGFNSKMDNLQAAIGLERMKYLSLNNFK
RLFLADRYITQLAELQNKGYIELPELSEDHVWHLFPIKVRTEDRADIMTKLNEDFGVQTDVYYPILSHMQKTPLVQDKYA
GLQLVHTEKAHSQVLHLPLYPSFTLEEQDRVMEGLFHVIKQEIGV
;
_entity_poly.pdbx_strand_id   A,B
#
# COMPACT_ATOMS: atom_id res chain seq x y z
N LYS A 3 11.82 35.75 -27.15
CA LYS A 3 10.78 36.67 -26.74
C LYS A 3 9.92 36.10 -25.61
N GLN A 4 9.47 34.86 -25.76
CA GLN A 4 8.65 34.21 -24.74
C GLN A 4 9.46 33.44 -23.70
N VAL A 5 9.12 33.63 -22.42
CA VAL A 5 9.71 32.83 -21.34
C VAL A 5 8.65 31.88 -20.75
N LYS A 6 8.86 30.58 -21.03
CA LYS A 6 7.85 29.57 -20.80
C LYS A 6 8.05 28.83 -19.49
N ILE A 7 6.97 28.71 -18.71
CA ILE A 7 6.97 27.91 -17.51
C ILE A 7 6.48 26.51 -17.84
N SER A 8 7.40 25.55 -17.88
CA SER A 8 7.04 24.15 -18.07
C SER A 8 6.85 23.52 -16.69
N GLY A 9 7.63 24.01 -15.72
CA GLY A 9 7.72 23.39 -14.42
C GLY A 9 8.94 22.50 -14.24
N LYS A 10 9.62 22.17 -15.36
CA LYS A 10 10.79 21.31 -15.33
C LYS A 10 12.03 22.10 -14.92
N SER A 11 13.07 21.39 -14.46
CA SER A 11 14.21 22.05 -13.79
C SER A 11 14.97 23.04 -14.68
N LYS A 12 15.11 22.74 -15.97
CA LYS A 12 15.81 23.64 -16.87
C LYS A 12 15.10 24.99 -16.97
N GLU A 13 13.80 24.96 -17.28
CA GLU A 13 13.04 26.21 -17.44
C GLU A 13 12.91 26.97 -16.14
N ASN A 14 12.84 26.24 -15.02
CA ASN A 14 12.80 26.89 -13.71
C ASN A 14 14.01 27.76 -13.52
N MET A 15 15.17 27.23 -13.92
CA MET A 15 16.43 27.93 -13.82
C MET A 15 16.36 29.24 -14.63
N SER A 16 15.91 29.16 -15.87
CA SER A 16 15.81 30.39 -16.66
C SER A 16 14.77 31.36 -16.09
N LEU A 17 13.70 30.83 -15.50
CA LEU A 17 12.70 31.66 -14.83
C LEU A 17 13.34 32.40 -13.65
N LEU A 18 14.21 31.70 -12.94
CA LEU A 18 14.91 32.29 -11.81
C LEU A 18 15.71 33.51 -12.23
N LYS A 19 16.47 33.36 -13.30
CA LYS A 19 17.31 34.46 -13.82
C LYS A 19 16.41 35.62 -14.22
N HIS A 20 15.40 35.31 -15.01
CA HIS A 20 14.47 36.31 -15.56
C HIS A 20 13.85 37.18 -14.48
N LEU A 21 13.50 36.58 -13.35
CA LEU A 21 12.84 37.31 -12.29
C LEU A 21 13.81 38.11 -11.43
N LYS A 22 15.09 37.76 -11.52
CA LYS A 22 16.13 38.54 -10.88
C LYS A 22 16.62 39.65 -11.82
N GLY A 23 15.67 40.34 -12.46
CA GLY A 23 15.97 41.43 -13.39
C GLY A 23 16.46 41.00 -14.76
N ASP A 24 17.21 39.89 -14.81
CA ASP A 24 17.90 39.41 -16.01
C ASP A 24 16.95 38.88 -17.11
N VAL A 25 16.42 39.79 -17.92
CA VAL A 25 15.38 39.49 -18.92
C VAL A 25 15.72 38.34 -19.91
N GLN A 26 14.98 37.24 -19.82
CA GLN A 26 15.13 36.09 -20.72
C GLN A 26 14.10 36.15 -21.85
N GLY A 27 13.40 37.27 -21.94
CA GLY A 27 12.34 37.44 -22.91
C GLY A 27 11.24 38.33 -22.37
N LYS A 28 10.24 38.60 -23.18
CA LYS A 28 9.17 39.51 -22.78
C LYS A 28 8.04 38.78 -22.05
N GLU A 29 7.28 38.02 -22.81
CA GLU A 29 6.01 37.46 -22.33
C GLU A 29 6.14 36.19 -21.50
N LEU A 30 5.81 36.29 -20.21
CA LEU A 30 5.67 35.13 -19.32
C LEU A 30 4.51 34.26 -19.79
N VAL A 31 4.80 33.05 -20.25
CA VAL A 31 3.78 32.16 -20.78
C VAL A 31 3.72 30.86 -19.97
N ILE A 32 2.58 30.60 -19.34
CA ILE A 32 2.42 29.43 -18.48
C ILE A 32 1.86 28.24 -19.25
N GLU A 33 2.61 27.16 -19.29
CA GLU A 33 2.24 25.99 -20.07
C GLU A 33 0.94 25.36 -19.53
N ASP A 34 0.05 24.98 -20.44
CA ASP A 34 -1.27 24.46 -20.07
C ASP A 34 -1.15 23.04 -19.53
N SER A 35 -0.77 22.92 -18.27
CA SER A 35 -0.57 21.62 -17.63
C SER A 35 -1.02 21.67 -16.18
N ILE A 36 -1.57 20.55 -15.71
CA ILE A 36 -2.02 20.44 -14.34
C ILE A 36 -0.95 20.84 -13.31
N VAL A 37 0.32 20.54 -13.59
CA VAL A 37 1.37 20.82 -12.63
C VAL A 37 1.63 22.30 -12.48
N ASN A 38 1.14 23.09 -13.43
CA ASN A 38 1.34 24.54 -13.41
C ASN A 38 0.15 25.30 -12.86
N GLU A 39 -0.85 24.57 -12.36
CA GLU A 39 -2.11 25.22 -12.01
C GLU A 39 -2.01 26.33 -10.95
N ARG A 40 -1.30 26.09 -9.85
CA ARG A 40 -1.22 27.10 -8.79
C ARG A 40 -0.35 28.31 -9.12
N TRP A 41 0.57 28.14 -10.07
CA TRP A 41 1.35 29.27 -10.57
C TRP A 41 0.41 30.37 -11.05
N LYS A 42 -0.59 29.97 -11.82
CA LYS A 42 -1.54 30.90 -12.45
C LYS A 42 -2.18 31.91 -11.51
N GLN A 43 -2.37 31.53 -10.24
CA GLN A 43 -3.03 32.42 -9.30
C GLN A 43 -2.04 33.33 -8.56
N VAL A 44 -0.76 33.14 -8.82
CA VAL A 44 0.25 33.92 -8.09
C VAL A 44 1.28 34.60 -9.01
N LEU A 45 1.40 34.14 -10.24
CA LEU A 45 2.40 34.68 -11.15
C LEU A 45 1.87 35.91 -11.88
N LYS A 46 2.37 37.08 -11.51
CA LYS A 46 1.96 38.33 -12.16
C LYS A 46 3.18 38.94 -12.84
N GLU A 47 2.95 39.87 -13.77
CA GLU A 47 4.04 40.48 -14.52
C GLU A 47 5.12 41.09 -13.63
N LYS A 48 4.72 41.80 -12.59
CA LYS A 48 5.68 42.42 -11.70
C LYS A 48 5.75 41.70 -10.36
N ILE A 49 5.80 40.37 -10.41
CA ILE A 49 5.89 39.56 -9.19
C ILE A 49 7.17 39.85 -8.41
N ASP A 50 7.03 40.02 -7.10
CA ASP A 50 8.18 40.06 -6.21
C ASP A 50 8.20 38.75 -5.42
N ILE A 51 9.23 37.93 -5.66
CA ILE A 51 9.28 36.58 -5.14
C ILE A 51 9.28 36.54 -3.63
N GLU A 52 10.16 37.33 -3.01
CA GLU A 52 10.24 37.40 -1.56
C GLU A 52 8.90 37.71 -0.91
N HIS A 53 8.11 38.56 -1.55
CA HIS A 53 6.83 38.95 -0.95
C HIS A 53 5.66 38.09 -1.43
N ASP A 54 5.55 37.90 -2.74
CA ASP A 54 4.41 37.20 -3.32
C ASP A 54 4.46 35.68 -3.11
N LEU A 55 5.66 35.13 -2.98
CA LEU A 55 5.80 33.68 -2.92
C LEU A 55 6.18 33.23 -1.53
N PHE A 56 6.95 34.04 -0.82
CA PHE A 56 7.40 33.66 0.52
C PHE A 56 6.82 34.51 1.64
N ASN A 57 6.18 35.63 1.28
CA ASN A 57 5.63 36.55 2.27
C ASN A 57 6.67 36.87 3.34
N TYR A 58 7.87 37.21 2.86
CA TYR A 58 9.02 37.49 3.68
C TYR A 58 8.65 38.46 4.80
N GLN A 59 8.86 38.02 6.03
CA GLN A 59 8.71 38.88 7.19
C GLN A 59 10.02 38.86 7.94
N LYS A 60 10.89 39.79 7.58
CA LYS A 60 12.26 39.85 8.09
C LYS A 60 12.32 39.92 9.62
N ASN A 61 11.31 40.55 10.22
CA ASN A 61 11.29 40.78 11.67
C ASN A 61 10.38 39.85 12.47
N ARG A 62 9.82 38.83 11.83
CA ARG A 62 9.00 37.88 12.58
C ARG A 62 9.89 37.15 13.59
N GLU A 63 9.33 36.93 14.77
CA GLU A 63 10.05 36.30 15.89
C GLU A 63 10.26 34.79 15.65
N ILE A 64 11.52 34.35 15.75
CA ILE A 64 11.87 32.94 15.49
C ILE A 64 12.82 32.36 16.55
N SER A 65 12.37 31.33 17.24
CA SER A 65 13.20 30.66 18.26
C SER A 65 13.72 29.30 17.79
N LYS A 66 12.91 28.60 17.00
CA LYS A 66 13.28 27.28 16.49
C LYS A 66 13.10 27.17 14.98
N VAL A 67 14.05 26.53 14.32
CA VAL A 67 13.91 26.15 12.92
C VAL A 67 13.95 24.62 12.81
N PRO A 68 12.77 23.98 12.79
CA PRO A 68 12.71 22.53 12.55
C PRO A 68 13.20 22.18 11.14
N PHE A 69 13.84 21.04 11.00
CA PHE A 69 14.35 20.62 9.70
C PHE A 69 13.24 20.32 8.69
N LEU A 70 12.15 19.74 9.15
CA LEU A 70 11.10 19.28 8.24
C LEU A 70 9.80 19.00 8.99
N PRO A 71 9.10 20.05 9.42
CA PRO A 71 7.85 19.85 10.16
C PRO A 71 6.73 19.38 9.24
N VAL A 72 6.25 18.15 9.42
CA VAL A 72 5.34 17.56 8.45
C VAL A 72 4.04 18.34 8.29
N ASP A 73 3.58 18.99 9.36
CA ASP A 73 2.33 19.77 9.31
C ASP A 73 2.39 20.93 8.31
N ARG A 74 3.58 21.45 8.08
CA ARG A 74 3.74 22.57 7.18
C ARG A 74 3.95 22.11 5.74
N LEU A 75 4.14 20.81 5.55
CA LEU A 75 4.35 20.27 4.19
C LEU A 75 3.07 20.20 3.38
N ILE A 76 1.94 20.35 4.05
CA ILE A 76 0.65 20.43 3.38
C ILE A 76 0.01 21.75 3.81
N THR A 77 -0.49 22.50 2.82
CA THR A 77 -0.98 23.84 3.07
C THR A 77 -2.50 23.82 3.30
N ASN A 78 -3.04 24.95 3.72
CA ASN A 78 -4.49 25.05 3.94
C ASN A 78 -5.29 24.89 2.66
N ASP A 79 -4.81 25.48 1.57
CA ASP A 79 -5.47 25.31 0.27
C ASP A 79 -5.46 23.86 -0.22
N GLU A 80 -4.37 23.15 0.05
CA GLU A 80 -4.28 21.74 -0.33
C GLU A 80 -5.32 20.93 0.45
N VAL A 81 -5.41 21.18 1.74
CA VAL A 81 -6.45 20.57 2.57
C VAL A 81 -7.85 20.79 1.99
N GLU A 82 -8.17 22.03 1.60
CA GLU A 82 -9.50 22.34 1.07
C GLU A 82 -9.79 21.62 -0.24
N ASP A 83 -8.82 21.61 -1.15
CA ASP A 83 -8.97 20.90 -2.41
C ASP A 83 -9.19 19.39 -2.18
N ILE A 84 -8.44 18.83 -1.23
CA ILE A 84 -8.53 17.40 -0.95
C ILE A 84 -9.91 17.04 -0.40
N LEU A 85 -10.32 17.74 0.66
CA LEU A 85 -11.65 17.55 1.24
C LEU A 85 -12.74 17.71 0.18
N ASN A 86 -12.62 18.74 -0.64
CA ASN A 86 -13.54 18.91 -1.75
C ASN A 86 -13.60 17.71 -2.70
N THR A 87 -12.45 17.19 -3.12
CA THR A 87 -12.46 16.05 -4.04
C THR A 87 -12.95 14.75 -3.39
N LEU A 88 -12.56 14.53 -2.14
CA LEU A 88 -13.02 13.36 -1.38
C LEU A 88 -14.53 13.39 -1.19
N THR A 89 -15.09 14.58 -1.05
CA THR A 89 -16.54 14.75 -0.96
C THR A 89 -17.22 14.06 -2.14
N GLU A 90 -16.58 14.10 -3.30
CA GLU A 90 -17.14 13.43 -4.48
C GLU A 90 -16.70 11.97 -4.62
N VAL A 91 -15.46 11.69 -4.22
CA VAL A 91 -14.91 10.35 -4.36
C VAL A 91 -15.61 9.34 -3.44
N LEU A 92 -15.71 9.70 -2.16
CA LEU A 92 -16.24 8.80 -1.13
C LEU A 92 -17.57 8.09 -1.47
N PRO A 93 -18.59 8.84 -1.95
CA PRO A 93 -19.87 8.16 -2.19
C PRO A 93 -19.84 7.22 -3.39
N THR A 94 -18.87 7.38 -4.29
CA THR A 94 -18.78 6.47 -5.43
C THR A 94 -18.46 5.05 -4.94
N GLY A 95 -17.80 4.96 -3.79
CA GLY A 95 -17.46 3.67 -3.21
C GLY A 95 -16.28 2.98 -3.85
N LYS A 96 -15.63 3.67 -4.79
CA LYS A 96 -14.50 3.09 -5.52
C LYS A 96 -13.19 3.58 -4.92
N PHE A 97 -12.52 2.72 -4.17
CA PHE A 97 -11.35 3.15 -3.39
C PHE A 97 -10.04 2.49 -3.80
N THR A 98 -10.13 1.33 -4.44
CA THR A 98 -8.97 0.64 -4.99
C THR A 98 -8.74 1.05 -6.44
N SER A 99 -9.40 0.38 -7.37
CA SER A 99 -9.38 0.81 -8.77
C SER A 99 -10.42 1.92 -8.99
N GLY A 100 -10.35 2.58 -10.14
CA GLY A 100 -11.33 3.59 -10.49
C GLY A 100 -10.77 4.65 -11.42
N PRO A 101 -11.62 5.58 -11.86
CA PRO A 101 -11.33 6.63 -12.85
C PRO A 101 -10.26 7.63 -12.44
N TYR A 102 -10.14 7.97 -11.16
CA TYR A 102 -9.10 8.91 -10.76
C TYR A 102 -7.71 8.30 -10.93
N LEU A 103 -7.60 7.00 -10.65
CA LEU A 103 -6.36 6.27 -10.86
C LEU A 103 -5.94 6.40 -12.33
N GLU A 104 -6.84 6.07 -13.25
CA GLU A 104 -6.55 6.20 -14.69
C GLU A 104 -6.16 7.61 -15.08
N GLN A 105 -6.92 8.59 -14.59
CA GLN A 105 -6.65 9.98 -14.92
C GLN A 105 -5.27 10.41 -14.40
N PHE A 106 -4.92 9.97 -13.19
CA PHE A 106 -3.61 10.26 -12.64
C PHE A 106 -2.50 9.67 -13.52
N GLU A 107 -2.70 8.44 -13.98
CA GLU A 107 -1.72 7.80 -14.87
C GLU A 107 -1.58 8.51 -16.21
N LYS A 108 -2.68 9.03 -16.74
CA LYS A 108 -2.66 9.76 -18.01
C LYS A 108 -1.89 11.07 -17.87
N VAL A 109 -2.23 11.82 -16.84
CA VAL A 109 -1.57 13.08 -16.54
C VAL A 109 -0.05 12.93 -16.31
N LEU A 110 0.36 11.88 -15.61
CA LEU A 110 1.78 11.59 -15.39
C LEU A 110 2.48 11.29 -16.71
N SER A 111 1.83 10.47 -17.53
CA SER A 111 2.30 10.12 -18.86
C SER A 111 2.66 11.35 -19.69
N THR A 112 1.75 12.31 -19.74
CA THR A 112 1.95 13.55 -20.48
C THR A 112 3.11 14.36 -19.87
N TYR A 113 3.10 14.47 -18.54
CA TYR A 113 4.11 15.27 -17.86
C TYR A 113 5.50 14.67 -18.03
N LEU A 114 5.59 13.35 -17.99
CA LEU A 114 6.90 12.70 -18.10
C LEU A 114 7.34 12.39 -19.52
N HIS A 115 6.46 12.64 -20.49
CA HIS A 115 6.71 12.26 -21.88
C HIS A 115 7.03 10.77 -21.99
N LYS A 116 6.29 9.95 -21.23
CA LYS A 116 6.41 8.50 -21.31
C LYS A 116 5.06 7.89 -21.68
N ARG A 117 5.07 6.96 -22.62
CA ARG A 117 3.82 6.36 -23.12
C ARG A 117 3.01 5.65 -22.05
N TYR A 118 3.69 4.96 -21.13
CA TYR A 118 3.01 4.10 -20.17
C TYR A 118 3.39 4.43 -18.73
N VAL A 119 2.37 4.60 -17.89
CA VAL A 119 2.60 4.85 -16.48
C VAL A 119 1.75 3.89 -15.66
N ILE A 120 2.41 3.13 -14.79
CA ILE A 120 1.72 2.23 -13.90
C ILE A 120 1.90 2.78 -12.49
N ALA A 121 0.82 3.28 -11.90
CA ALA A 121 0.87 3.85 -10.55
C ALA A 121 0.83 2.73 -9.53
N THR A 122 1.71 2.81 -8.53
CA THR A 122 1.93 1.70 -7.61
C THR A 122 1.69 2.14 -6.18
N SER A 123 1.67 1.18 -5.26
CA SER A 123 1.36 1.46 -3.85
C SER A 123 2.51 2.11 -3.07
N SER A 124 3.70 2.17 -3.66
CA SER A 124 4.84 2.92 -3.14
C SER A 124 5.96 3.02 -4.18
N GLY A 125 6.95 3.87 -3.92
CA GLY A 125 8.16 3.89 -4.72
C GLY A 125 8.94 2.60 -4.62
N THR A 126 9.03 2.06 -3.41
CA THR A 126 9.72 0.79 -3.16
C THR A 126 9.12 -0.32 -4.03
N ASP A 127 7.79 -0.37 -4.04
CA ASP A 127 7.07 -1.32 -4.86
C ASP A 127 7.31 -1.13 -6.36
N ALA A 128 7.40 0.13 -6.79
CA ALA A 128 7.69 0.45 -8.20
C ALA A 128 9.02 -0.13 -8.68
N ILE A 129 10.07 0.02 -7.87
CA ILE A 129 11.38 -0.50 -8.22
C ILE A 129 11.36 -2.03 -8.26
N MET A 130 10.74 -2.62 -7.23
CA MET A 130 10.63 -4.07 -7.12
C MET A 130 9.90 -4.67 -8.33
N ILE A 131 8.73 -4.13 -8.63
CA ILE A 131 7.96 -4.59 -9.79
C ILE A 131 8.73 -4.33 -11.10
N GLY A 132 9.40 -3.18 -11.18
CA GLY A 132 10.17 -2.84 -12.37
C GLY A 132 11.28 -3.85 -12.65
N LEU A 133 12.03 -4.20 -11.61
CA LEU A 133 13.08 -5.21 -11.73
C LEU A 133 12.51 -6.50 -12.28
N LEU A 134 11.42 -6.97 -11.67
CA LEU A 134 10.80 -8.22 -12.10
C LEU A 134 10.23 -8.15 -13.52
N ALA A 135 9.61 -7.03 -13.87
CA ALA A 135 9.06 -6.88 -15.22
C ALA A 135 10.19 -6.91 -16.24
N LEU A 136 11.34 -6.35 -15.85
CA LEU A 136 12.53 -6.35 -16.71
C LEU A 136 13.22 -7.71 -16.74
N GLY A 137 12.71 -8.67 -15.98
CA GLY A 137 13.19 -10.04 -16.07
C GLY A 137 14.18 -10.49 -15.01
N LEU A 138 14.25 -9.78 -13.89
CA LEU A 138 15.16 -10.18 -12.82
C LEU A 138 14.83 -11.59 -12.31
N ASN A 139 15.86 -12.43 -12.25
CA ASN A 139 15.76 -13.77 -11.67
C ASN A 139 16.62 -13.79 -10.42
N PRO A 140 16.31 -14.71 -9.49
CA PRO A 140 17.07 -14.75 -8.23
C PRO A 140 18.56 -14.90 -8.49
N GLY A 141 19.39 -14.08 -7.85
CA GLY A 141 20.82 -14.13 -8.08
C GLY A 141 21.35 -13.16 -9.14
N ASP A 142 20.47 -12.63 -10.00
CA ASP A 142 20.91 -11.62 -10.96
C ASP A 142 21.49 -10.41 -10.22
N GLU A 143 22.55 -9.83 -10.76
CA GLU A 143 23.24 -8.76 -10.06
C GLU A 143 22.74 -7.41 -10.53
N VAL A 144 22.68 -6.46 -9.60
CA VAL A 144 22.20 -5.13 -9.92
C VAL A 144 23.26 -4.15 -9.44
N ILE A 145 23.81 -3.36 -10.36
CA ILE A 145 24.81 -2.35 -10.00
C ILE A 145 24.16 -1.06 -9.51
N MET A 146 24.62 -0.53 -8.38
CA MET A 146 23.93 0.57 -7.74
C MET A 146 24.83 1.24 -6.70
N PRO A 147 24.44 2.45 -6.25
CA PRO A 147 25.20 3.12 -5.19
C PRO A 147 24.83 2.61 -3.80
N ALA A 148 25.64 2.95 -2.80
CA ALA A 148 25.44 2.49 -1.43
C ALA A 148 24.99 3.60 -0.50
N ASN A 149 24.76 4.79 -1.04
CA ASN A 149 24.34 5.93 -0.22
C ASN A 149 22.87 6.32 -0.37
N SER A 150 22.09 5.49 -1.05
CA SER A 150 20.67 5.77 -1.20
C SER A 150 19.89 5.44 0.07
N PHE A 151 18.58 5.71 0.03
CA PHE A 151 17.68 5.26 1.09
C PHE A 151 17.57 3.74 1.02
N SER A 152 17.37 3.10 2.16
CA SER A 152 17.39 1.64 2.22
C SER A 152 16.40 0.99 1.26
N ALA A 153 15.35 1.72 0.90
CA ALA A 153 14.31 1.22 -0.01
C ALA A 153 14.88 0.67 -1.33
N THR A 154 15.95 1.31 -1.80
CA THR A 154 16.56 0.93 -3.08
C THR A 154 17.14 -0.49 -3.01
N GLU A 155 18.08 -0.73 -2.09
CA GLU A 155 18.62 -2.09 -1.92
C GLU A 155 17.49 -3.07 -1.59
N ASN A 156 16.52 -2.62 -0.79
CA ASN A 156 15.44 -3.48 -0.33
C ASN A 156 14.59 -4.04 -1.48
N ALA A 157 14.32 -3.20 -2.48
CA ALA A 157 13.56 -3.64 -3.65
C ALA A 157 14.34 -4.68 -4.46
N VAL A 158 15.64 -4.48 -4.59
CA VAL A 158 16.47 -5.48 -5.23
C VAL A 158 16.44 -6.80 -4.48
N LEU A 159 16.68 -6.73 -3.16
CA LEU A 159 16.79 -7.92 -2.32
C LEU A 159 15.49 -8.73 -2.22
N ALA A 160 14.38 -8.03 -1.98
CA ALA A 160 13.07 -8.67 -1.92
C ALA A 160 12.72 -9.46 -3.18
N SER A 161 13.18 -8.98 -4.34
CA SER A 161 12.91 -9.64 -5.62
C SER A 161 13.84 -10.83 -5.88
N GLY A 162 14.86 -11.02 -5.03
CA GLY A 162 15.83 -12.09 -5.20
C GLY A 162 17.15 -11.60 -5.80
N GLY A 163 17.20 -10.32 -6.16
CA GLY A 163 18.38 -9.75 -6.81
C GLY A 163 19.57 -9.57 -5.88
N VAL A 164 20.73 -9.33 -6.47
CA VAL A 164 21.99 -9.18 -5.73
C VAL A 164 22.63 -7.80 -5.98
N PRO A 165 22.64 -6.95 -4.94
CA PRO A 165 23.24 -5.62 -5.07
C PRO A 165 24.76 -5.68 -5.23
N ILE A 166 25.25 -5.05 -6.29
CA ILE A 166 26.68 -4.84 -6.46
C ILE A 166 26.95 -3.35 -6.34
N TYR A 167 27.56 -2.96 -5.22
CA TYR A 167 27.79 -1.56 -4.92
C TYR A 167 29.02 -1.00 -5.65
N VAL A 168 28.87 0.19 -6.20
CA VAL A 168 29.91 0.87 -6.99
C VAL A 168 30.10 2.28 -6.42
N ASP A 169 31.31 2.80 -6.46
CA ASP A 169 31.61 4.07 -5.79
C ASP A 169 30.95 5.26 -6.50
N ILE A 170 30.80 6.37 -5.78
CA ILE A 170 30.14 7.55 -6.33
C ILE A 170 31.11 8.66 -6.77
N ASN A 171 30.58 9.59 -7.59
CA ASN A 171 31.21 10.88 -7.84
C ASN A 171 31.02 11.71 -6.58
N PRO A 172 32.13 12.08 -5.92
CA PRO A 172 32.06 12.69 -4.60
C PRO A 172 31.44 14.10 -4.55
N GLN A 173 31.23 14.75 -5.68
CA GLN A 173 30.66 16.09 -5.65
C GLN A 173 29.15 16.07 -5.91
N THR A 174 28.71 15.14 -6.75
CA THR A 174 27.30 15.04 -7.13
C THR A 174 26.54 14.06 -6.22
N PHE A 175 27.29 13.23 -5.49
CA PHE A 175 26.74 12.14 -4.67
C PHE A 175 26.14 11.00 -5.50
N CYS A 176 26.21 11.11 -6.81
CA CYS A 176 25.62 10.11 -7.69
C CYS A 176 26.64 9.08 -8.13
N ILE A 177 26.14 7.95 -8.64
CA ILE A 177 26.96 6.82 -9.02
C ILE A 177 27.96 7.22 -10.11
N ASP A 178 29.22 6.83 -9.93
CA ASP A 178 30.28 7.17 -10.87
C ASP A 178 30.27 6.19 -12.02
N PRO A 179 29.88 6.65 -13.22
CA PRO A 179 29.80 5.76 -14.38
C PRO A 179 31.17 5.15 -14.72
N ASP A 180 32.23 5.84 -14.31
CA ASP A 180 33.59 5.37 -14.58
C ASP A 180 33.98 4.20 -13.68
N LYS A 181 33.12 3.88 -12.72
CA LYS A 181 33.36 2.75 -11.83
C LYS A 181 32.44 1.57 -12.13
N ILE A 182 31.58 1.72 -13.13
CA ILE A 182 30.58 0.71 -13.44
C ILE A 182 31.08 -0.53 -14.19
N GLU A 183 31.75 -0.30 -15.32
CA GLU A 183 32.20 -1.41 -16.18
C GLU A 183 33.11 -2.40 -15.46
N GLU A 184 33.87 -1.87 -14.49
CA GLU A 184 34.76 -2.65 -13.66
C GLU A 184 34.01 -3.79 -12.97
N ALA A 185 32.77 -3.50 -12.56
CA ALA A 185 32.01 -4.38 -11.69
C ALA A 185 31.04 -5.30 -12.42
N ILE A 186 31.10 -5.30 -13.75
CA ILE A 186 30.19 -6.14 -14.54
C ILE A 186 30.67 -7.60 -14.64
N THR A 187 29.80 -8.53 -14.25
CA THR A 187 30.10 -9.96 -14.30
C THR A 187 29.18 -10.62 -15.33
N PRO A 188 29.31 -11.94 -15.54
CA PRO A 188 28.32 -12.54 -16.44
C PRO A 188 26.95 -12.65 -15.78
N TYR A 189 26.87 -12.28 -14.50
CA TYR A 189 25.62 -12.31 -13.77
C TYR A 189 24.96 -10.93 -13.59
N THR A 190 25.60 -9.90 -14.13
CA THR A 190 25.04 -8.56 -14.06
C THR A 190 23.95 -8.38 -15.11
N LYS A 191 22.78 -7.92 -14.68
CA LYS A 191 21.69 -7.64 -15.63
C LYS A 191 21.25 -6.17 -15.66
N PHE A 192 21.49 -5.44 -14.58
CA PHE A 192 20.92 -4.10 -14.47
C PHE A 192 21.89 -3.08 -13.90
N ILE A 193 21.65 -1.82 -14.25
CA ILE A 193 22.25 -0.72 -13.53
C ILE A 193 21.10 0.06 -12.90
N LEU A 194 21.27 0.49 -11.67
CA LEU A 194 20.20 1.16 -10.94
C LEU A 194 20.72 2.44 -10.32
N PRO A 195 20.75 3.51 -11.13
CA PRO A 195 21.29 4.75 -10.57
C PRO A 195 20.20 5.44 -9.77
N VAL A 196 20.63 6.28 -8.85
CA VAL A 196 19.71 6.98 -7.97
C VAL A 196 19.97 8.46 -8.14
N HIS A 197 18.92 9.22 -8.40
CA HIS A 197 19.09 10.66 -8.54
C HIS A 197 19.06 11.26 -7.15
N LEU A 198 20.15 11.05 -6.41
CA LEU A 198 20.18 11.32 -4.97
C LEU A 198 20.07 12.79 -4.64
N TYR A 199 19.19 13.09 -3.68
CA TYR A 199 18.90 14.44 -3.21
C TYR A 199 18.14 15.31 -4.22
N GLY A 200 17.78 14.74 -5.37
CA GLY A 200 17.21 15.51 -6.45
C GLY A 200 18.20 15.81 -7.59
N LYS A 201 19.45 15.39 -7.43
CA LYS A 201 20.48 15.59 -8.44
C LYS A 201 20.41 14.51 -9.50
N HIS A 202 20.48 14.90 -10.77
CA HIS A 202 20.35 13.97 -11.88
C HIS A 202 21.67 13.26 -12.14
N SER A 203 21.64 11.93 -12.20
CA SER A 203 22.83 11.11 -12.49
C SER A 203 23.26 11.29 -13.93
N ASP A 204 24.47 10.88 -14.23
CA ASP A 204 25.02 10.97 -15.58
C ASP A 204 24.42 9.89 -16.47
N MET A 205 23.16 10.06 -16.85
CA MET A 205 22.39 9.03 -17.53
C MET A 205 22.88 8.69 -18.94
N GLN A 206 23.42 9.68 -19.64
CA GLN A 206 23.89 9.46 -21.00
C GLN A 206 25.09 8.50 -21.00
N HIS A 207 26.05 8.77 -20.12
CA HIS A 207 27.21 7.92 -19.99
C HIS A 207 26.78 6.53 -19.49
N ILE A 208 25.90 6.49 -18.49
CA ILE A 208 25.35 5.22 -18.01
C ILE A 208 24.67 4.41 -19.13
N ARG A 209 23.97 5.09 -20.03
CA ARG A 209 23.32 4.42 -21.17
C ARG A 209 24.33 3.85 -22.18
N GLN A 210 25.43 4.55 -22.41
CA GLN A 210 26.46 4.08 -23.34
C GLN A 210 27.05 2.76 -22.87
N ILE A 211 27.41 2.74 -21.59
CA ILE A 211 27.91 1.53 -20.94
C ILE A 211 26.89 0.40 -21.03
N ALA A 212 25.63 0.73 -20.74
CA ALA A 212 24.57 -0.27 -20.72
C ALA A 212 24.34 -0.91 -22.08
N ASN A 213 24.35 -0.09 -23.13
CA ASN A 213 24.23 -0.61 -24.48
C ASN A 213 25.44 -1.45 -24.85
N ARG A 214 26.61 -1.06 -24.34
CA ARG A 214 27.86 -1.77 -24.60
C ARG A 214 27.75 -3.19 -24.06
N TYR A 215 27.30 -3.30 -22.81
CA TYR A 215 27.23 -4.59 -22.11
C TYR A 215 25.84 -5.24 -22.16
N LYS A 216 24.94 -4.64 -22.93
CA LYS A 216 23.56 -5.14 -23.05
C LYS A 216 22.84 -5.33 -21.70
N LEU A 217 22.95 -4.33 -20.84
CA LEU A 217 22.23 -4.30 -19.58
C LEU A 217 20.96 -3.47 -19.72
N LYS A 218 20.07 -3.55 -18.74
CA LYS A 218 18.87 -2.73 -18.69
C LYS A 218 19.10 -1.68 -17.64
N VAL A 219 18.49 -0.50 -17.83
CA VAL A 219 18.64 0.60 -16.90
C VAL A 219 17.28 0.92 -16.29
N ILE A 220 17.21 0.86 -14.97
CA ILE A 220 16.01 1.23 -14.25
C ILE A 220 16.48 2.25 -13.24
N GLU A 221 15.96 3.47 -13.33
CA GLU A 221 16.46 4.51 -12.45
C GLU A 221 15.57 4.66 -11.22
N ASP A 222 16.18 4.93 -10.08
CA ASP A 222 15.45 5.33 -8.88
C ASP A 222 15.32 6.84 -8.93
N ALA A 223 14.23 7.32 -9.53
CA ALA A 223 13.96 8.76 -9.59
C ALA A 223 12.99 9.20 -8.50
N CYS A 224 12.97 8.46 -7.39
CA CYS A 224 11.99 8.74 -6.32
C CYS A 224 12.14 10.14 -5.71
N GLN A 225 13.31 10.75 -5.83
CA GLN A 225 13.52 12.11 -5.34
C GLN A 225 13.65 13.14 -6.46
N GLY A 226 13.45 12.72 -7.71
CA GLY A 226 13.80 13.56 -8.85
C GLY A 226 12.68 14.06 -9.73
N ILE A 227 11.44 14.05 -9.25
CA ILE A 227 10.33 14.56 -10.06
C ILE A 227 10.58 16.02 -10.45
N GLY A 228 10.40 16.34 -11.73
CA GLY A 228 10.63 17.68 -12.23
C GLY A 228 11.94 17.83 -12.99
N LEU A 229 12.76 16.78 -13.00
CA LEU A 229 14.03 16.86 -13.72
C LEU A 229 13.80 16.89 -15.22
N THR A 230 14.39 17.89 -15.87
CA THR A 230 14.40 17.96 -17.32
C THR A 230 14.99 16.65 -17.87
N ASP A 231 14.32 16.09 -18.88
CA ASP A 231 14.77 14.88 -19.54
C ASP A 231 14.83 13.65 -18.62
N LEU A 232 14.03 13.65 -17.56
CA LEU A 232 13.95 12.47 -16.70
C LEU A 232 13.53 11.29 -17.56
N GLY A 233 14.34 10.22 -17.52
CA GLY A 233 13.97 8.97 -18.15
C GLY A 233 14.31 8.83 -19.62
N LYS A 234 14.92 9.87 -20.17
CA LYS A 234 15.33 9.87 -21.58
C LYS A 234 16.18 8.63 -21.93
N TYR A 235 17.10 8.27 -21.04
CA TYR A 235 18.01 7.16 -21.28
C TYR A 235 17.68 5.89 -20.48
N ALA A 236 16.56 5.88 -19.77
CA ALA A 236 16.17 4.72 -18.95
C ALA A 236 15.15 3.82 -19.63
N ASP A 237 15.27 2.50 -19.38
CA ASP A 237 14.20 1.57 -19.75
C ASP A 237 12.98 1.74 -18.85
N ILE A 238 13.22 1.93 -17.55
CA ILE A 238 12.16 2.16 -16.58
C ILE A 238 12.54 3.28 -15.63
N THR A 239 11.60 4.19 -15.38
CA THR A 239 11.75 5.26 -14.40
C THR A 239 10.81 5.00 -13.23
N THR A 240 11.31 5.14 -12.01
CA THR A 240 10.44 4.93 -10.87
C THR A 240 10.31 6.21 -10.05
N LEU A 241 9.14 6.40 -9.47
CA LEU A 241 8.84 7.61 -8.72
C LEU A 241 8.21 7.22 -7.40
N SER A 242 8.35 8.10 -6.41
CA SER A 242 7.63 7.99 -5.15
C SER A 242 6.72 9.20 -5.00
N PHE A 243 5.49 8.99 -4.52
CA PHE A 243 4.61 10.10 -4.16
C PHE A 243 4.33 10.09 -2.67
N ASN A 244 5.29 9.58 -1.91
CA ASN A 244 5.25 9.65 -0.46
C ASN A 244 5.06 11.12 -0.04
N PRO A 245 4.42 11.36 1.12
CA PRO A 245 4.00 12.74 1.46
C PRO A 245 5.15 13.74 1.62
N TYR A 246 6.38 13.26 1.70
CA TYR A 246 7.52 14.13 1.94
C TYR A 246 8.38 14.39 0.68
N1 LLP A 247 14.33 5.74 -3.18
C2 LLP A 247 14.62 6.98 -2.67
C2' LLP A 247 15.88 7.68 -3.09
C3 LLP A 247 13.75 7.59 -1.76
O3 LLP A 247 14.02 8.70 -1.29
C4 LLP A 247 12.56 6.94 -1.36
C4' LLP A 247 11.68 7.71 -0.37
C5 LLP A 247 12.30 5.65 -1.91
C6 LLP A 247 13.18 5.08 -2.81
C5' LLP A 247 11.10 4.82 -1.59
OP4 LLP A 247 9.80 5.32 -1.87
P LLP A 247 8.49 4.87 -1.05
OP1 LLP A 247 8.50 3.37 -0.96
OP2 LLP A 247 8.67 5.57 0.27
OP3 LLP A 247 7.44 5.45 -1.93
N LLP A 247 7.94 13.90 -0.48
CA LLP A 247 8.71 14.09 -1.71
CB LLP A 247 8.59 12.83 -2.60
CG LLP A 247 9.04 11.50 -1.94
CD LLP A 247 10.57 11.15 -1.92
CE LLP A 247 10.93 10.10 -0.80
NZ LLP A 247 10.88 8.60 -1.08
C LLP A 247 8.33 15.44 -2.34
O LLP A 247 7.41 16.09 -1.84
N ASN A 248 9.01 15.87 -3.41
CA ASN A 248 8.73 17.16 -4.02
C ASN A 248 7.24 17.32 -4.36
N PHE A 249 6.64 16.20 -4.74
CA PHE A 249 5.19 16.09 -4.84
C PHE A 249 4.79 14.74 -4.24
N GLY A 250 3.82 14.77 -3.34
CA GLY A 250 3.33 13.56 -2.69
C GLY A 250 1.84 13.57 -2.47
N VAL A 251 1.28 12.39 -2.17
CA VAL A 251 -0.14 12.29 -1.88
C VAL A 251 -0.37 12.28 -0.37
N CYS A 252 -1.39 11.56 0.08
CA CYS A 252 -1.66 11.53 1.52
C CYS A 252 -1.61 10.11 2.08
N GLY A 253 -0.49 9.43 1.80
CA GLY A 253 -0.29 8.04 2.14
C GLY A 253 0.82 7.53 1.24
N LYS A 254 0.89 6.22 1.04
CA LYS A 254 1.92 5.66 0.18
C LYS A 254 1.45 5.49 -1.26
N ALA A 255 2.35 5.79 -2.19
CA ALA A 255 2.09 5.63 -3.62
C ALA A 255 3.40 5.84 -4.38
N GLY A 256 3.45 5.36 -5.61
CA GLY A 256 4.55 5.63 -6.52
C GLY A 256 4.14 5.32 -7.95
N ALA A 257 5.11 5.27 -8.85
CA ALA A 257 4.82 4.91 -10.23
C ALA A 257 6.02 4.37 -10.97
N ILE A 258 5.73 3.56 -11.97
CA ILE A 258 6.67 3.12 -12.98
C ILE A 258 6.30 3.78 -14.30
N ALA A 259 7.29 4.33 -14.99
CA ALA A 259 7.06 4.94 -16.29
C ALA A 259 8.00 4.33 -17.32
N THR A 260 7.46 3.97 -18.48
CA THR A 260 8.26 3.40 -19.54
C THR A 260 7.64 3.70 -20.91
N ASP A 261 8.45 3.60 -21.96
CA ASP A 261 7.96 3.79 -23.32
C ASP A 261 7.73 2.44 -24.00
N ASN A 262 8.17 1.37 -23.36
CA ASN A 262 8.03 0.01 -23.90
C ASN A 262 6.69 -0.67 -23.54
N GLU A 263 5.86 -0.94 -24.54
CA GLU A 263 4.56 -1.55 -24.34
C GLU A 263 4.60 -2.91 -23.65
N GLU A 264 5.46 -3.81 -24.11
CA GLU A 264 5.53 -5.14 -23.52
C GLU A 264 5.99 -5.08 -22.06
N LEU A 265 6.92 -4.17 -21.79
CA LEU A 265 7.41 -3.93 -20.44
C LEU A 265 6.26 -3.45 -19.54
N ALA A 266 5.45 -2.52 -20.05
CA ALA A 266 4.33 -1.96 -19.30
C ALA A 266 3.32 -3.04 -18.96
N LYS A 267 3.06 -3.93 -19.93
CA LYS A 267 2.11 -5.01 -19.74
C LYS A 267 2.56 -5.86 -18.56
N LYS A 268 3.85 -6.18 -18.55
CA LYS A 268 4.40 -6.98 -17.47
C LYS A 268 4.34 -6.30 -16.11
N CYS A 269 4.55 -4.99 -16.08
CA CYS A 269 4.50 -4.28 -14.81
C CYS A 269 3.09 -4.33 -14.24
N ILE A 270 2.10 -4.21 -15.13
CA ILE A 270 0.71 -4.24 -14.72
C ILE A 270 0.37 -5.61 -14.15
N GLN A 271 0.82 -6.67 -14.80
CA GLN A 271 0.59 -8.04 -14.31
C GLN A 271 1.25 -8.27 -12.94
N PHE A 272 2.49 -7.84 -12.78
CA PHE A 272 3.15 -7.95 -11.48
C PHE A 272 2.47 -7.11 -10.38
N SER A 273 1.90 -5.97 -10.76
CA SER A 273 1.31 -5.04 -9.80
C SER A 273 -0.04 -5.55 -9.30
N TYR A 274 -0.63 -6.48 -10.05
CA TYR A 274 -1.95 -6.99 -9.67
C TYR A 274 -2.07 -8.49 -9.84
N HIS A 275 -1.56 -9.21 -8.83
CA HIS A 275 -1.73 -10.66 -8.67
C HIS A 275 -1.26 -11.55 -9.82
N GLY A 276 -0.58 -10.97 -10.81
CA GLY A 276 -0.16 -11.74 -11.98
C GLY A 276 -1.31 -12.01 -12.96
N PHE A 277 -2.41 -11.27 -12.78
CA PHE A 277 -3.56 -11.42 -13.67
C PHE A 277 -3.29 -10.90 -15.07
N GLU A 278 -4.02 -11.46 -16.03
CA GLU A 278 -4.10 -10.87 -17.36
C GLU A 278 -4.59 -9.44 -17.18
N VAL A 279 -3.99 -8.50 -17.92
CA VAL A 279 -4.36 -7.09 -17.78
C VAL A 279 -5.87 -6.91 -17.87
N ASN A 280 -6.47 -6.35 -16.82
CA ASN A 280 -7.91 -6.15 -16.73
C ASN A 280 -8.80 -7.40 -16.81
N VAL A 281 -8.22 -8.57 -16.60
CA VAL A 281 -9.04 -9.77 -16.43
C VAL A 281 -8.79 -10.41 -15.07
N LYS A 282 -9.66 -10.07 -14.12
CA LYS A 282 -9.50 -10.47 -12.72
C LYS A 282 -9.57 -11.99 -12.55
N ASN A 283 -8.74 -12.52 -11.65
CA ASN A 283 -8.78 -13.94 -11.24
C ASN A 283 -8.14 -14.92 -12.23
N LYS A 284 -7.68 -14.39 -13.36
CA LYS A 284 -7.03 -15.21 -14.35
C LYS A 284 -5.54 -14.87 -14.46
N LYS A 285 -4.70 -15.71 -13.85
CA LYS A 285 -3.27 -15.48 -13.82
C LYS A 285 -2.60 -15.89 -15.14
N VAL A 286 -1.67 -15.05 -15.60
CA VAL A 286 -0.88 -15.37 -16.78
C VAL A 286 0.63 -15.45 -16.51
N ILE A 287 1.05 -15.05 -15.31
CA ILE A 287 2.42 -15.30 -14.85
C ILE A 287 2.40 -15.98 -13.48
N ASN A 288 3.55 -16.47 -13.04
CA ASN A 288 3.60 -17.33 -11.87
C ASN A 288 2.95 -16.73 -10.61
N PHE A 289 3.26 -15.47 -10.32
CA PHE A 289 2.65 -14.75 -9.22
C PHE A 289 2.74 -13.25 -9.46
N GLY A 290 2.00 -12.49 -8.67
CA GLY A 290 2.16 -11.06 -8.68
C GLY A 290 1.87 -10.50 -7.30
N PHE A 291 1.85 -9.18 -7.20
CA PHE A 291 1.66 -8.52 -5.92
C PHE A 291 0.30 -7.86 -5.87
N ASN A 292 -0.04 -7.31 -4.70
CA ASN A 292 -1.19 -6.43 -4.58
C ASN A 292 -0.68 -5.00 -4.42
N SER A 293 -0.23 -4.40 -5.53
CA SER A 293 0.61 -3.19 -5.43
C SER A 293 0.27 -2.03 -6.37
N LYS A 294 -0.98 -1.92 -6.78
CA LYS A 294 -1.41 -0.75 -7.54
C LYS A 294 -1.65 0.43 -6.58
N MET A 295 -1.55 1.65 -7.07
CA MET A 295 -2.02 2.81 -6.30
C MET A 295 -3.54 2.77 -6.01
N ASP A 296 -3.95 3.35 -4.89
CA ASP A 296 -5.37 3.47 -4.55
C ASP A 296 -6.03 4.59 -5.34
N ASN A 297 -7.22 4.31 -5.87
CA ASN A 297 -8.06 5.35 -6.50
C ASN A 297 -8.20 6.61 -5.63
N LEU A 298 -8.36 6.43 -4.32
CA LEU A 298 -8.53 7.56 -3.42
C LEU A 298 -7.29 8.45 -3.37
N GLN A 299 -6.11 7.84 -3.27
CA GLN A 299 -4.87 8.60 -3.26
C GLN A 299 -4.62 9.28 -4.61
N ALA A 300 -5.08 8.64 -5.69
CA ALA A 300 -4.92 9.21 -7.02
C ALA A 300 -5.75 10.50 -7.13
N ALA A 301 -6.95 10.50 -6.54
CA ALA A 301 -7.78 11.70 -6.51
C ALA A 301 -7.08 12.82 -5.74
N ILE A 302 -6.40 12.44 -4.66
CA ILE A 302 -5.62 13.38 -3.88
C ILE A 302 -4.43 13.89 -4.69
N GLY A 303 -3.76 13.00 -5.40
CA GLY A 303 -2.63 13.38 -6.24
C GLY A 303 -2.99 14.39 -7.30
N LEU A 304 -4.15 14.21 -7.93
CA LEU A 304 -4.63 15.16 -8.94
C LEU A 304 -4.85 16.57 -8.35
N GLU A 305 -5.09 16.65 -7.04
CA GLU A 305 -5.15 17.96 -6.38
C GLU A 305 -3.76 18.44 -5.97
N ARG A 306 -2.99 17.60 -5.29
CA ARG A 306 -1.68 18.05 -4.80
C ARG A 306 -0.68 18.34 -5.93
N MET A 307 -0.90 17.74 -7.09
CA MET A 307 -0.02 17.92 -8.24
C MET A 307 -0.10 19.35 -8.81
N LYS A 308 -1.19 20.05 -8.49
CA LYS A 308 -1.37 21.43 -8.92
C LYS A 308 -0.31 22.39 -8.38
N TYR A 309 0.36 21.97 -7.31
CA TYR A 309 1.32 22.80 -6.60
C TYR A 309 2.77 22.50 -7.01
N LEU A 310 2.98 21.48 -7.85
CA LEU A 310 4.33 20.96 -8.08
C LEU A 310 5.31 21.94 -8.72
N SER A 311 4.94 22.54 -9.84
CA SER A 311 5.87 23.44 -10.52
C SER A 311 6.17 24.61 -9.60
N LEU A 312 5.14 25.10 -8.91
CA LEU A 312 5.31 26.23 -8.03
C LEU A 312 6.26 25.86 -6.88
N ASN A 313 6.03 24.68 -6.30
CA ASN A 313 6.88 24.22 -5.20
C ASN A 313 8.32 23.92 -5.61
N ASN A 314 8.50 23.28 -6.76
CA ASN A 314 9.85 23.03 -7.23
C ASN A 314 10.57 24.35 -7.46
N PHE A 315 9.87 25.34 -8.00
CA PHE A 315 10.49 26.66 -8.17
C PHE A 315 10.88 27.28 -6.85
N LYS A 316 9.98 27.20 -5.86
CA LYS A 316 10.30 27.70 -4.52
C LYS A 316 11.49 27.00 -3.90
N ARG A 317 11.65 25.70 -4.18
CA ARG A 317 12.83 24.96 -3.73
C ARG A 317 14.08 25.52 -4.38
N LEU A 318 13.99 25.80 -5.68
CA LEU A 318 15.13 26.33 -6.42
C LEU A 318 15.51 27.71 -5.88
N PHE A 319 14.51 28.54 -5.61
CA PHE A 319 14.78 29.87 -5.08
C PHE A 319 15.52 29.75 -3.76
N LEU A 320 15.08 28.81 -2.92
CA LEU A 320 15.71 28.55 -1.63
C LEU A 320 17.16 28.10 -1.75
N ALA A 321 17.42 27.24 -2.73
CA ALA A 321 18.74 26.67 -2.90
C ALA A 321 19.70 27.74 -3.43
N ASP A 322 19.20 28.52 -4.39
CA ASP A 322 19.95 29.65 -4.91
C ASP A 322 20.34 30.61 -3.78
N ARG A 323 19.38 30.92 -2.91
CA ARG A 323 19.62 31.89 -1.85
C ARG A 323 20.72 31.37 -0.94
N TYR A 324 20.64 30.08 -0.59
CA TYR A 324 21.62 29.46 0.28
C TYR A 324 23.00 29.59 -0.34
N ILE A 325 23.08 29.29 -1.62
CA ILE A 325 24.37 29.19 -2.29
C ILE A 325 25.01 30.58 -2.38
N THR A 326 24.17 31.59 -2.61
CA THR A 326 24.64 32.96 -2.71
C THR A 326 25.07 33.52 -1.36
N GLN A 327 24.19 33.47 -0.37
CA GLN A 327 24.47 34.09 0.92
C GLN A 327 25.51 33.37 1.77
N LEU A 328 25.83 32.12 1.42
CA LEU A 328 26.84 31.35 2.15
C LEU A 328 28.15 31.28 1.38
N ALA A 329 28.21 31.99 0.25
CA ALA A 329 29.37 31.93 -0.63
C ALA A 329 30.67 32.22 0.10
N GLU A 330 30.62 33.14 1.06
CA GLU A 330 31.81 33.54 1.80
C GLU A 330 32.45 32.39 2.60
N LEU A 331 31.62 31.47 3.07
CA LEU A 331 32.10 30.29 3.80
C LEU A 331 32.77 29.26 2.89
N GLN A 332 32.31 29.18 1.64
CA GLN A 332 32.98 28.32 0.68
C GLN A 332 34.23 29.02 0.16
N ASN A 333 34.17 30.35 0.07
CA ASN A 333 35.32 31.12 -0.38
C ASN A 333 36.49 30.96 0.58
N LYS A 334 36.18 30.96 1.87
CA LYS A 334 37.20 30.76 2.89
C LYS A 334 37.52 29.27 3.07
N GLY A 335 36.87 28.41 2.29
CA GLY A 335 37.13 26.97 2.34
C GLY A 335 36.61 26.26 3.57
N TYR A 336 35.69 26.90 4.29
CA TYR A 336 35.15 26.31 5.51
C TYR A 336 34.11 25.23 5.17
N ILE A 337 33.27 25.50 4.18
CA ILE A 337 32.30 24.53 3.70
C ILE A 337 32.39 24.36 2.20
N GLU A 338 31.68 23.35 1.69
CA GLU A 338 31.48 23.23 0.26
C GLU A 338 30.00 23.33 -0.07
N LEU A 339 29.69 24.06 -1.12
CA LEU A 339 28.33 24.27 -1.53
C LEU A 339 28.02 23.39 -2.74
N PRO A 340 26.74 23.02 -2.89
CA PRO A 340 26.35 22.37 -4.14
C PRO A 340 26.41 23.39 -5.27
N GLU A 341 26.58 22.90 -6.48
CA GLU A 341 26.60 23.73 -7.65
C GLU A 341 25.17 24.05 -8.10
N LEU A 342 24.93 25.31 -8.46
CA LEU A 342 23.64 25.72 -8.96
C LEU A 342 23.43 25.21 -10.39
N SER A 343 22.75 24.07 -10.54
CA SER A 343 22.62 23.47 -11.88
C SER A 343 21.18 23.26 -12.32
N GLU A 344 21.00 23.15 -13.63
CA GLU A 344 19.72 22.84 -14.25
C GLU A 344 19.27 21.42 -13.97
N ASP A 345 20.21 20.55 -13.64
CA ASP A 345 19.89 19.14 -13.47
C ASP A 345 19.73 18.81 -11.99
N HIS A 346 19.03 19.68 -11.27
CA HIS A 346 18.75 19.48 -9.85
C HIS A 346 17.31 19.94 -9.51
N VAL A 347 16.56 19.14 -8.74
CA VAL A 347 15.24 19.60 -8.26
C VAL A 347 15.21 19.83 -6.75
N TRP A 348 16.37 19.73 -6.12
CA TRP A 348 16.55 20.17 -4.74
C TRP A 348 15.58 19.54 -3.76
N HIS A 349 15.44 18.22 -3.83
CA HIS A 349 14.67 17.52 -2.84
C HIS A 349 15.34 17.68 -1.47
N LEU A 350 16.67 17.62 -1.47
CA LEU A 350 17.44 17.92 -0.25
C LEU A 350 18.60 18.88 -0.56
N PHE A 351 19.06 19.61 0.46
CA PHE A 351 20.16 20.56 0.29
C PHE A 351 21.42 20.13 1.04
N PRO A 352 22.39 19.54 0.31
CA PRO A 352 23.65 19.08 0.89
C PRO A 352 24.81 20.08 0.78
N ILE A 353 25.29 20.56 1.93
CA ILE A 353 26.58 21.23 1.98
C ILE A 353 27.60 20.23 2.49
N LYS A 354 28.88 20.61 2.46
CA LYS A 354 29.90 19.78 3.10
C LYS A 354 30.62 20.52 4.22
N VAL A 355 30.76 19.87 5.37
CA VAL A 355 31.56 20.40 6.45
C VAL A 355 32.72 19.45 6.78
N ARG A 356 33.65 19.93 7.59
CA ARG A 356 34.76 19.10 8.06
C ARG A 356 34.26 17.88 8.83
N THR A 357 34.77 16.70 8.46
CA THR A 357 34.30 15.44 9.04
C THR A 357 34.26 15.47 10.56
N GLU A 358 35.38 15.88 11.16
CA GLU A 358 35.53 15.82 12.60
C GLU A 358 34.80 16.96 13.31
N ASP A 359 34.10 17.79 12.54
CA ASP A 359 33.37 18.92 13.13
C ASP A 359 31.85 18.80 13.02
N ARG A 360 31.38 17.96 12.10
CA ARG A 360 29.94 17.87 11.78
C ARG A 360 29.06 17.69 13.00
N ALA A 361 29.36 16.68 13.82
CA ALA A 361 28.54 16.43 15.01
C ALA A 361 28.50 17.66 15.93
N ASP A 362 29.61 18.39 15.98
CA ASP A 362 29.72 19.60 16.79
C ASP A 362 28.94 20.75 16.17
N ILE A 363 29.08 20.91 14.86
CA ILE A 363 28.31 21.93 14.13
C ILE A 363 26.81 21.72 14.29
N MET A 364 26.39 20.47 14.13
CA MET A 364 24.98 20.09 14.30
C MET A 364 24.49 20.44 15.69
N THR A 365 25.26 20.06 16.71
CA THR A 365 24.87 20.35 18.09
C THR A 365 24.79 21.85 18.37
N LYS A 366 25.79 22.59 17.90
CA LYS A 366 25.83 24.03 18.16
C LYS A 366 24.67 24.79 17.51
N LEU A 367 24.39 24.46 16.24
CA LEU A 367 23.24 25.02 15.52
C LEU A 367 21.93 24.80 16.29
N ASN A 368 21.79 23.60 16.81
CA ASN A 368 20.58 23.29 17.55
C ASN A 368 20.55 23.96 18.91
N GLU A 369 21.61 23.75 19.69
CA GLU A 369 21.69 24.28 21.06
C GLU A 369 21.56 25.81 21.13
N ASP A 370 22.34 26.51 20.31
CA ASP A 370 22.41 27.97 20.40
C ASP A 370 21.34 28.69 19.57
N PHE A 371 20.93 28.08 18.45
CA PHE A 371 20.05 28.75 17.49
C PHE A 371 18.68 28.13 17.27
N GLY A 372 18.47 26.93 17.81
CA GLY A 372 17.22 26.21 17.56
C GLY A 372 17.11 25.78 16.11
N VAL A 373 18.27 25.59 15.48
CA VAL A 373 18.35 25.22 14.07
C VAL A 373 18.64 23.74 13.91
N GLN A 374 17.66 23.00 13.40
CA GLN A 374 17.81 21.57 13.23
C GLN A 374 18.28 21.22 11.83
N THR A 375 19.34 20.42 11.77
CA THR A 375 19.82 19.90 10.50
C THR A 375 19.76 18.37 10.58
N ASP A 376 20.18 17.71 9.51
CA ASP A 376 20.11 16.25 9.47
C ASP A 376 21.14 15.71 8.50
N VAL A 377 21.27 14.39 8.47
CA VAL A 377 22.18 13.68 7.58
C VAL A 377 21.43 12.52 6.92
N TYR A 378 21.04 12.70 5.66
CA TYR A 378 20.38 11.65 4.88
C TYR A 378 21.42 10.95 4.02
N TYR A 379 21.78 9.69 4.31
CA TYR A 379 21.20 8.86 5.37
C TYR A 379 22.32 8.39 6.30
N PRO A 380 21.98 8.06 7.56
CA PRO A 380 23.05 7.82 8.54
C PRO A 380 23.96 6.64 8.24
N ILE A 381 23.44 5.56 7.66
CA ILE A 381 24.25 4.37 7.43
C ILE A 381 24.29 3.94 5.97
N LEU A 382 25.49 3.66 5.48
CA LEU A 382 25.64 3.19 4.11
C LEU A 382 25.23 1.72 4.00
N SER A 383 24.84 1.31 2.79
CA SER A 383 24.32 -0.03 2.54
C SER A 383 25.26 -1.14 3.01
N HIS A 384 26.53 -0.98 2.67
CA HIS A 384 27.52 -2.02 2.90
C HIS A 384 28.10 -1.94 4.30
N MET A 385 27.48 -1.10 5.12
CA MET A 385 27.88 -0.98 6.52
C MET A 385 26.70 -1.21 7.46
N GLN A 386 25.60 -1.69 6.91
CA GLN A 386 24.47 -2.10 7.74
C GLN A 386 24.86 -3.36 8.50
N LYS A 387 24.41 -3.47 9.74
CA LYS A 387 24.72 -4.62 10.57
C LYS A 387 23.73 -5.77 10.37
N THR A 388 23.89 -6.48 9.27
CA THR A 388 22.97 -7.56 8.94
C THR A 388 23.76 -8.80 8.54
N PRO A 389 23.15 -9.98 8.71
CA PRO A 389 23.77 -11.24 8.29
C PRO A 389 24.26 -11.21 6.84
N LEU A 390 23.46 -10.62 5.95
CA LEU A 390 23.83 -10.47 4.55
C LEU A 390 25.12 -9.67 4.36
N VAL A 391 25.22 -8.55 5.05
CA VAL A 391 26.36 -7.67 4.86
C VAL A 391 27.67 -8.38 5.23
N GLN A 392 27.67 -9.02 6.40
CA GLN A 392 28.84 -9.74 6.91
C GLN A 392 29.29 -10.89 6.03
N ASP A 393 28.32 -11.57 5.41
CA ASP A 393 28.62 -12.73 4.59
C ASP A 393 29.04 -12.36 3.18
N LYS A 394 28.54 -11.23 2.70
CA LYS A 394 28.63 -10.90 1.28
C LYS A 394 29.42 -9.62 0.98
N TYR A 395 29.39 -8.65 1.91
CA TYR A 395 29.97 -7.32 1.64
C TYR A 395 31.07 -7.01 2.65
N ALA A 396 31.84 -8.05 2.95
CA ALA A 396 32.91 -7.99 3.93
C ALA A 396 34.17 -7.40 3.32
N GLY A 397 34.75 -6.42 3.99
CA GLY A 397 35.95 -5.75 3.50
C GLY A 397 35.76 -4.96 2.22
N LEU A 398 34.52 -4.62 1.89
CA LEU A 398 34.28 -3.76 0.73
C LEU A 398 34.54 -2.32 1.11
N GLN A 399 35.27 -1.60 0.27
CA GLN A 399 35.53 -0.19 0.52
C GLN A 399 35.14 0.70 -0.66
N LEU A 400 34.40 1.76 -0.35
CA LEU A 400 34.00 2.76 -1.35
C LEU A 400 34.46 4.12 -0.83
N VAL A 401 35.70 4.48 -1.17
CA VAL A 401 36.38 5.62 -0.57
C VAL A 401 35.62 6.93 -0.70
N HIS A 402 35.21 7.25 -1.92
CA HIS A 402 34.49 8.50 -2.18
C HIS A 402 33.12 8.53 -1.51
N THR A 403 32.37 7.42 -1.62
CA THR A 403 31.06 7.32 -0.98
C THR A 403 31.18 7.56 0.52
N GLU A 404 32.15 6.90 1.15
CA GLU A 404 32.30 6.99 2.60
C GLU A 404 32.77 8.37 3.06
N LYS A 405 33.69 8.97 2.30
CA LYS A 405 34.21 10.30 2.64
C LYS A 405 33.11 11.36 2.50
N ALA A 406 32.46 11.40 1.34
CA ALA A 406 31.36 12.33 1.11
C ALA A 406 30.30 12.17 2.18
N HIS A 407 30.00 10.90 2.51
CA HIS A 407 29.01 10.57 3.54
C HIS A 407 29.37 11.12 4.91
N SER A 408 30.67 11.17 5.21
CA SER A 408 31.14 11.65 6.51
C SER A 408 31.06 13.16 6.61
N GLN A 409 30.89 13.82 5.47
CA GLN A 409 31.01 15.27 5.39
C GLN A 409 29.68 15.95 5.11
N VAL A 410 28.73 15.20 4.58
CA VAL A 410 27.48 15.80 4.12
C VAL A 410 26.61 16.28 5.27
N LEU A 411 26.08 17.49 5.13
CA LEU A 411 25.16 18.05 6.10
C LEU A 411 23.99 18.70 5.36
N HIS A 412 22.77 18.34 5.75
CA HIS A 412 21.58 18.83 5.07
C HIS A 412 20.88 19.95 5.83
N LEU A 413 20.53 21.01 5.10
CA LEU A 413 19.91 22.19 5.68
C LEU A 413 18.42 22.16 5.41
N PRO A 414 17.63 22.77 6.30
CA PRO A 414 16.17 22.83 6.09
C PRO A 414 15.86 23.37 4.70
N LEU A 415 14.99 22.69 3.95
CA LEU A 415 14.55 23.19 2.64
C LEU A 415 13.29 22.47 2.19
N TYR A 416 12.20 23.24 2.07
CA TYR A 416 10.93 22.70 1.61
C TYR A 416 10.09 23.90 1.19
N PRO A 417 9.07 23.67 0.36
CA PRO A 417 8.31 24.78 -0.25
C PRO A 417 7.72 25.82 0.72
N SER A 418 7.26 25.39 1.88
CA SER A 418 6.65 26.33 2.84
C SER A 418 7.65 26.84 3.87
N PHE A 419 8.92 26.55 3.66
CA PHE A 419 9.98 27.09 4.50
C PHE A 419 9.98 28.61 4.25
N THR A 420 10.32 29.41 5.26
CA THR A 420 10.30 30.86 5.10
C THR A 420 11.69 31.46 5.04
N LEU A 421 11.81 32.55 4.28
CA LEU A 421 13.09 33.24 4.17
C LEU A 421 13.59 33.70 5.53
N GLU A 422 12.67 34.12 6.41
CA GLU A 422 13.07 34.57 7.73
C GLU A 422 13.71 33.43 8.50
N GLU A 423 13.11 32.24 8.41
CA GLU A 423 13.72 31.05 8.96
C GLU A 423 15.06 30.76 8.32
N GLN A 424 15.14 30.94 7.00
CA GLN A 424 16.39 30.66 6.31
C GLN A 424 17.50 31.57 6.77
N ASP A 425 17.17 32.84 7.01
CA ASP A 425 18.12 33.80 7.55
C ASP A 425 18.73 33.29 8.85
N ARG A 426 17.89 32.77 9.74
CA ARG A 426 18.38 32.20 11.00
C ARG A 426 19.30 30.99 10.77
N VAL A 427 18.96 30.14 9.80
CA VAL A 427 19.84 29.03 9.43
C VAL A 427 21.20 29.55 9.05
N MET A 428 21.22 30.51 8.12
CA MET A 428 22.47 31.07 7.60
C MET A 428 23.27 31.84 8.65
N GLU A 429 22.61 32.74 9.37
CA GLU A 429 23.22 33.43 10.50
C GLU A 429 23.86 32.43 11.46
N GLY A 430 23.20 31.30 11.66
CA GLY A 430 23.71 30.25 12.52
C GLY A 430 24.98 29.60 12.00
N LEU A 431 24.98 29.25 10.72
CA LEU A 431 26.14 28.61 10.10
C LEU A 431 27.39 29.47 10.21
N PHE A 432 27.22 30.78 10.03
CA PHE A 432 28.35 31.70 10.10
C PHE A 432 28.94 31.72 11.52
N HIS A 433 28.07 31.94 12.51
CA HIS A 433 28.49 32.03 13.91
C HIS A 433 29.13 30.75 14.49
N VAL A 434 28.82 29.59 13.92
CA VAL A 434 29.32 28.33 14.50
C VAL A 434 30.51 27.68 13.78
N ILE A 435 30.70 28.01 12.51
CA ILE A 435 31.79 27.39 11.75
C ILE A 435 33.05 28.25 11.81
N LYS A 436 34.12 27.69 12.36
CA LYS A 436 35.35 28.44 12.64
C LYS A 436 36.63 27.68 12.24
N GLN A 437 36.48 26.62 11.45
CA GLN A 437 37.62 25.86 10.95
C GLN A 437 37.38 25.39 9.51
N GLU A 438 38.47 25.17 8.77
CA GLU A 438 38.38 24.67 7.40
C GLU A 438 38.16 23.16 7.34
N ILE A 439 37.78 22.68 6.16
CA ILE A 439 37.58 21.24 5.94
C ILE A 439 38.90 20.48 6.08
N MET B 1 -33.02 -14.95 37.94
CA MET B 1 -32.14 -16.01 37.46
C MET B 1 -31.86 -15.89 35.94
N GLN B 2 -31.98 -14.70 35.39
CA GLN B 2 -31.90 -14.48 33.94
C GLN B 2 -30.48 -14.52 33.38
N LYS B 3 -30.28 -15.29 32.30
CA LYS B 3 -29.02 -15.29 31.54
C LYS B 3 -28.81 -13.97 30.81
N GLN B 4 -27.62 -13.38 30.98
CA GLN B 4 -27.28 -12.20 30.21
C GLN B 4 -26.89 -12.64 28.81
N VAL B 5 -27.10 -11.78 27.83
CA VAL B 5 -26.67 -12.08 26.48
C VAL B 5 -25.66 -11.02 26.00
N LYS B 6 -24.40 -11.42 25.95
CA LYS B 6 -23.33 -10.50 25.63
C LYS B 6 -23.28 -10.20 24.14
N ILE B 7 -23.43 -8.93 23.78
CA ILE B 7 -23.22 -8.52 22.41
C ILE B 7 -21.75 -8.20 22.24
N SER B 8 -20.97 -9.22 21.87
CA SER B 8 -19.56 -9.06 21.58
C SER B 8 -19.40 -8.63 20.13
N GLY B 9 -20.39 -9.02 19.32
CA GLY B 9 -20.33 -8.82 17.89
C GLY B 9 -19.69 -10.00 17.18
N LYS B 10 -19.21 -10.99 17.94
CA LYS B 10 -18.59 -12.15 17.32
C LYS B 10 -19.66 -13.10 16.80
N SER B 11 -19.26 -14.11 16.06
CA SER B 11 -20.21 -14.93 15.33
C SER B 11 -21.13 -15.75 16.26
N LYS B 12 -20.55 -16.37 17.28
CA LYS B 12 -21.33 -17.13 18.26
C LYS B 12 -22.40 -16.27 18.93
N GLU B 13 -21.98 -15.14 19.50
CA GLU B 13 -22.90 -14.23 20.16
C GLU B 13 -23.93 -13.64 19.21
N ASN B 14 -23.57 -13.46 17.94
CA ASN B 14 -24.53 -12.99 16.96
C ASN B 14 -25.63 -14.01 16.73
N MET B 15 -25.27 -15.28 16.82
CA MET B 15 -26.22 -16.34 16.56
C MET B 15 -27.32 -16.34 17.62
N SER B 16 -26.94 -16.19 18.89
CA SER B 16 -27.93 -16.17 19.96
C SER B 16 -28.75 -14.87 19.93
N LEU B 17 -28.07 -13.77 19.61
CA LEU B 17 -28.71 -12.48 19.43
C LEU B 17 -29.79 -12.58 18.36
N LEU B 18 -29.50 -13.34 17.30
CA LEU B 18 -30.47 -13.53 16.23
C LEU B 18 -31.80 -14.04 16.77
N LYS B 19 -31.74 -15.00 17.69
CA LYS B 19 -32.96 -15.51 18.34
C LYS B 19 -33.64 -14.47 19.26
N HIS B 20 -32.87 -13.88 20.16
CA HIS B 20 -33.41 -12.89 21.10
C HIS B 20 -33.99 -11.64 20.43
N LEU B 21 -33.40 -11.21 19.31
CA LEU B 21 -33.91 -10.09 18.52
C LEU B 21 -35.06 -10.48 17.59
N LYS B 22 -35.28 -11.79 17.43
CA LYS B 22 -36.51 -12.30 16.83
C LYS B 22 -37.63 -12.36 17.86
N GLY B 23 -37.26 -12.38 19.14
CA GLY B 23 -38.21 -12.55 20.23
C GLY B 23 -38.93 -11.29 20.69
N ASP B 24 -39.89 -11.44 21.58
CA ASP B 24 -40.72 -10.32 22.04
C ASP B 24 -40.06 -9.46 23.12
N VAL B 25 -39.38 -10.12 24.06
CA VAL B 25 -38.72 -9.40 25.15
C VAL B 25 -37.26 -9.10 24.88
N GLN B 26 -36.92 -7.82 24.92
CA GLN B 26 -35.57 -7.35 24.64
C GLN B 26 -35.22 -6.30 25.66
N GLY B 27 -34.73 -6.73 26.81
CA GLY B 27 -34.51 -5.80 27.89
C GLY B 27 -33.07 -5.66 28.37
N LYS B 28 -32.93 -5.53 29.69
CA LYS B 28 -31.65 -5.32 30.35
C LYS B 28 -30.71 -6.51 30.25
N GLU B 29 -31.22 -7.64 29.75
CA GLU B 29 -30.39 -8.83 29.52
C GLU B 29 -29.39 -8.64 28.38
N LEU B 30 -29.73 -7.81 27.39
CA LEU B 30 -28.84 -7.49 26.26
C LEU B 30 -27.76 -6.51 26.68
N VAL B 31 -26.55 -7.02 26.92
CA VAL B 31 -25.41 -6.21 27.38
C VAL B 31 -24.39 -5.94 26.26
N ILE B 32 -24.30 -4.68 25.84
CA ILE B 32 -23.39 -4.24 24.77
C ILE B 32 -21.96 -4.11 25.26
N GLU B 33 -21.07 -5.00 24.82
CA GLU B 33 -19.67 -4.94 25.26
C GLU B 33 -19.05 -3.60 24.88
N ASP B 34 -18.34 -2.99 25.82
CA ASP B 34 -17.82 -1.65 25.64
C ASP B 34 -16.74 -1.64 24.58
N SER B 35 -17.16 -1.54 23.32
CA SER B 35 -16.22 -1.64 22.21
C SER B 35 -16.70 -0.83 21.03
N ILE B 36 -15.73 -0.23 20.34
CA ILE B 36 -15.99 0.59 19.17
C ILE B 36 -16.75 -0.19 18.08
N VAL B 37 -16.53 -1.50 17.98
CA VAL B 37 -17.23 -2.29 16.96
C VAL B 37 -18.73 -2.29 17.20
N ASN B 38 -19.13 -2.05 18.45
CA ASN B 38 -20.54 -2.06 18.83
C ASN B 38 -21.21 -0.69 18.83
N GLU B 39 -20.47 0.33 18.41
CA GLU B 39 -20.96 1.70 18.51
C GLU B 39 -22.32 1.93 17.86
N ARG B 40 -22.49 1.43 16.64
CA ARG B 40 -23.72 1.69 15.90
C ARG B 40 -24.91 0.90 16.44
N TRP B 41 -24.68 0.05 17.44
CA TRP B 41 -25.74 -0.71 18.11
C TRP B 41 -26.40 0.10 19.24
N LYS B 42 -25.60 0.92 19.93
CA LYS B 42 -26.04 1.70 21.10
C LYS B 42 -27.31 2.51 20.88
N GLN B 43 -27.37 3.23 19.76
CA GLN B 43 -28.53 4.03 19.39
C GLN B 43 -29.77 3.18 19.17
N VAL B 44 -29.67 2.18 18.30
CA VAL B 44 -30.83 1.44 17.83
C VAL B 44 -31.36 0.41 18.85
N LEU B 45 -30.55 0.10 19.85
CA LEU B 45 -30.90 -0.91 20.84
C LEU B 45 -31.70 -0.36 22.03
N LYS B 46 -31.88 0.96 22.09
CA LYS B 46 -32.60 1.56 23.21
C LYS B 46 -34.13 1.39 23.11
N GLU B 47 -34.59 0.75 22.04
CA GLU B 47 -36.02 0.43 21.88
C GLU B 47 -36.22 -1.01 21.43
N LYS B 48 -37.47 -1.43 21.36
CA LYS B 48 -37.77 -2.75 20.82
C LYS B 48 -37.38 -2.75 19.34
N ILE B 49 -36.84 -3.87 18.87
CA ILE B 49 -36.37 -3.99 17.50
C ILE B 49 -37.26 -4.89 16.63
N ASP B 50 -37.74 -4.35 15.51
CA ASP B 50 -38.22 -5.17 14.42
C ASP B 50 -37.16 -5.16 13.32
N ILE B 51 -36.43 -6.27 13.21
CA ILE B 51 -35.30 -6.36 12.29
C ILE B 51 -35.64 -5.94 10.87
N GLU B 52 -36.69 -6.54 10.30
CA GLU B 52 -37.07 -6.27 8.92
C GLU B 52 -37.21 -4.78 8.69
N HIS B 53 -37.90 -4.10 9.60
CA HIS B 53 -38.17 -2.67 9.41
C HIS B 53 -37.06 -1.76 9.93
N ASP B 54 -36.55 -2.03 11.11
CA ASP B 54 -35.57 -1.13 11.74
C ASP B 54 -34.17 -1.24 11.12
N LEU B 55 -33.71 -2.45 10.87
CA LEU B 55 -32.39 -2.63 10.28
C LEU B 55 -32.40 -2.56 8.75
N PHE B 56 -33.43 -3.13 8.12
CA PHE B 56 -33.46 -3.20 6.66
C PHE B 56 -34.43 -2.27 5.91
N ASN B 57 -35.31 -1.60 6.65
CA ASN B 57 -36.37 -0.81 6.02
C ASN B 57 -37.12 -1.59 4.94
N TYR B 58 -37.56 -2.79 5.29
CA TYR B 58 -38.25 -3.69 4.36
C TYR B 58 -39.34 -2.94 3.60
N GLN B 59 -39.22 -2.91 2.28
CA GLN B 59 -40.26 -2.38 1.41
C GLN B 59 -40.67 -3.46 0.42
N LYS B 60 -41.52 -4.37 0.88
CA LYS B 60 -41.94 -5.55 0.13
C LYS B 60 -42.50 -5.23 -1.25
N ASN B 61 -43.13 -4.06 -1.37
CA ASN B 61 -43.83 -3.68 -2.59
C ASN B 61 -43.02 -2.79 -3.54
N ARG B 62 -41.72 -2.67 -3.30
CA ARG B 62 -40.89 -1.81 -4.15
C ARG B 62 -40.57 -2.47 -5.49
N GLU B 63 -40.61 -1.65 -6.55
CA GLU B 63 -40.28 -2.07 -7.90
C GLU B 63 -38.79 -2.32 -8.04
N ILE B 64 -38.44 -3.56 -8.38
CA ILE B 64 -37.04 -3.92 -8.55
C ILE B 64 -36.80 -4.51 -9.93
N SER B 65 -36.05 -3.79 -10.76
CA SER B 65 -35.77 -4.28 -12.11
C SER B 65 -34.50 -5.13 -12.15
N LYS B 66 -33.50 -4.72 -11.38
CA LYS B 66 -32.18 -5.36 -11.39
C LYS B 66 -31.66 -5.60 -9.98
N VAL B 67 -31.04 -6.77 -9.76
CA VAL B 67 -30.33 -7.03 -8.50
C VAL B 67 -28.84 -7.24 -8.78
N PRO B 68 -28.04 -6.17 -8.64
CA PRO B 68 -26.59 -6.21 -8.76
C PRO B 68 -25.99 -7.12 -7.68
N PHE B 69 -24.89 -7.78 -7.98
CA PHE B 69 -24.27 -8.68 -7.02
C PHE B 69 -23.61 -7.91 -5.89
N LEU B 70 -22.88 -6.86 -6.25
CA LEU B 70 -22.16 -6.07 -5.26
C LEU B 70 -21.95 -4.64 -5.78
N PRO B 71 -22.98 -3.79 -5.63
CA PRO B 71 -22.86 -2.39 -6.05
C PRO B 71 -22.01 -1.64 -5.03
N VAL B 72 -20.81 -1.21 -5.41
CA VAL B 72 -19.85 -0.69 -4.44
C VAL B 72 -20.21 0.66 -3.83
N ASP B 73 -20.99 1.46 -4.55
CA ASP B 73 -21.50 2.72 -3.98
C ASP B 73 -22.43 2.44 -2.79
N ARG B 74 -22.99 1.24 -2.70
CA ARG B 74 -23.91 0.92 -1.61
C ARG B 74 -23.20 0.25 -0.44
N LEU B 75 -21.89 0.01 -0.60
CA LEU B 75 -21.11 -0.58 0.49
C LEU B 75 -20.61 0.49 1.46
N ILE B 76 -20.82 1.74 1.11
CA ILE B 76 -20.47 2.82 2.03
C ILE B 76 -21.68 3.73 2.22
N THR B 77 -22.15 3.84 3.47
CA THR B 77 -23.38 4.59 3.75
C THR B 77 -23.10 6.09 3.90
N ASN B 78 -24.16 6.88 3.98
CA ASN B 78 -24.04 8.33 4.13
C ASN B 78 -23.35 8.73 5.43
N ASP B 79 -23.76 8.10 6.53
CA ASP B 79 -23.17 8.42 7.83
C ASP B 79 -21.70 8.04 7.87
N GLU B 80 -21.34 6.97 7.19
CA GLU B 80 -19.94 6.60 7.04
C GLU B 80 -19.17 7.70 6.31
N VAL B 81 -19.70 8.17 5.18
CA VAL B 81 -19.08 9.29 4.46
C VAL B 81 -18.90 10.53 5.34
N GLU B 82 -19.95 10.86 6.09
CA GLU B 82 -19.91 12.04 6.96
C GLU B 82 -18.87 11.91 8.08
N ASP B 83 -18.85 10.75 8.74
CA ASP B 83 -17.88 10.52 9.80
C ASP B 83 -16.47 10.58 9.24
N ILE B 84 -16.28 10.04 8.04
CA ILE B 84 -14.97 10.02 7.40
C ILE B 84 -14.53 11.45 7.04
N LEU B 85 -15.43 12.22 6.45
CA LEU B 85 -15.14 13.62 6.13
C LEU B 85 -14.79 14.36 7.40
N ASN B 86 -15.53 14.09 8.47
CA ASN B 86 -15.25 14.75 9.74
C ASN B 86 -13.89 14.40 10.31
N THR B 87 -13.52 13.12 10.30
CA THR B 87 -12.21 12.77 10.83
C THR B 87 -11.05 13.28 9.95
N LEU B 88 -11.25 13.27 8.63
CA LEU B 88 -10.21 13.74 7.73
C LEU B 88 -10.00 15.23 7.89
N THR B 89 -11.07 15.95 8.27
CA THR B 89 -10.95 17.37 8.56
C THR B 89 -9.90 17.58 9.65
N GLU B 90 -9.74 16.60 10.53
CA GLU B 90 -8.75 16.68 11.60
C GLU B 90 -7.39 16.11 11.21
N VAL B 91 -7.38 14.97 10.51
CA VAL B 91 -6.13 14.31 10.15
C VAL B 91 -5.27 15.13 9.17
N LEU B 92 -5.90 15.65 8.10
CA LEU B 92 -5.15 16.29 7.02
C LEU B 92 -4.19 17.40 7.47
N PRO B 93 -4.64 18.35 8.31
CA PRO B 93 -3.71 19.44 8.66
C PRO B 93 -2.54 19.01 9.55
N THR B 94 -2.63 17.86 10.19
CA THR B 94 -1.50 17.36 10.97
C THR B 94 -0.33 16.97 10.06
N GLY B 95 -0.64 16.75 8.78
CA GLY B 95 0.36 16.36 7.81
C GLY B 95 0.96 14.96 7.95
N LYS B 96 0.43 14.16 8.88
CA LYS B 96 0.95 12.81 9.13
C LYS B 96 0.11 11.76 8.42
N PHE B 97 0.67 11.14 7.38
CA PHE B 97 -0.14 10.30 6.51
C PHE B 97 0.40 8.88 6.42
N THR B 98 1.68 8.72 6.76
CA THR B 98 2.30 7.40 6.86
C THR B 98 2.19 6.82 8.29
N SER B 99 3.18 7.10 9.13
CA SER B 99 3.07 6.76 10.56
C SER B 99 2.19 7.78 11.30
N GLY B 100 1.79 7.45 12.52
CA GLY B 100 1.01 8.39 13.31
C GLY B 100 0.07 7.77 14.32
N PRO B 101 -0.61 8.62 15.10
CA PRO B 101 -1.44 8.26 16.26
C PRO B 101 -2.70 7.45 15.93
N TYR B 102 -3.29 7.64 14.76
CA TYR B 102 -4.49 6.87 14.44
C TYR B 102 -4.10 5.44 14.14
N LEU B 103 -2.90 5.28 13.59
CA LEU B 103 -2.37 3.98 13.24
C LEU B 103 -2.13 3.14 14.48
N GLU B 104 -1.45 3.74 15.47
CA GLU B 104 -1.22 3.08 16.75
C GLU B 104 -2.53 2.78 17.47
N GLN B 105 -3.46 3.72 17.41
CA GLN B 105 -4.75 3.54 18.06
C GLN B 105 -5.58 2.44 17.40
N PHE B 106 -5.51 2.36 16.07
CA PHE B 106 -6.21 1.31 15.33
C PHE B 106 -5.63 -0.07 15.65
N GLU B 107 -4.31 -0.17 15.74
CA GLU B 107 -3.70 -1.43 16.15
C GLU B 107 -4.14 -1.87 17.56
N LYS B 108 -4.21 -0.91 18.48
CA LYS B 108 -4.61 -1.17 19.86
C LYS B 108 -6.06 -1.68 19.95
N VAL B 109 -6.97 -1.01 19.24
CA VAL B 109 -8.36 -1.46 19.19
C VAL B 109 -8.48 -2.88 18.62
N LEU B 110 -7.72 -3.16 17.57
CA LEU B 110 -7.75 -4.48 16.94
C LEU B 110 -7.26 -5.53 17.91
N SER B 111 -6.19 -5.20 18.63
CA SER B 111 -5.61 -6.10 19.63
C SER B 111 -6.65 -6.48 20.68
N THR B 112 -7.48 -5.52 21.06
CA THR B 112 -8.52 -5.78 22.04
C THR B 112 -9.66 -6.60 21.44
N TYR B 113 -10.05 -6.25 20.22
CA TYR B 113 -11.13 -6.95 19.58
C TYR B 113 -10.78 -8.41 19.31
N LEU B 114 -9.54 -8.67 18.92
CA LEU B 114 -9.14 -10.02 18.54
C LEU B 114 -8.62 -10.86 19.72
N HIS B 115 -8.34 -10.21 20.84
CA HIS B 115 -7.68 -10.84 21.99
C HIS B 115 -6.32 -11.40 21.59
N LYS B 116 -5.53 -10.56 20.94
CA LYS B 116 -4.17 -10.91 20.55
C LYS B 116 -3.25 -9.81 21.04
N ARG B 117 -2.10 -10.18 21.57
CA ARG B 117 -1.24 -9.19 22.20
C ARG B 117 -0.67 -8.17 21.23
N TYR B 118 -0.28 -8.62 20.05
CA TYR B 118 0.36 -7.74 19.08
C TYR B 118 -0.35 -7.70 17.76
N VAL B 119 -0.70 -6.49 17.33
CA VAL B 119 -1.25 -6.32 16.00
C VAL B 119 -0.35 -5.41 15.16
N ILE B 120 0.04 -5.90 13.99
CA ILE B 120 0.84 -5.12 13.06
C ILE B 120 -0.02 -4.80 11.83
N ALA B 121 -0.48 -3.55 11.75
CA ALA B 121 -1.30 -3.14 10.61
C ALA B 121 -0.44 -2.94 9.35
N THR B 122 -0.87 -3.55 8.24
CA THR B 122 -0.09 -3.63 7.03
C THR B 122 -0.80 -2.91 5.88
N SER B 123 -0.15 -2.87 4.71
CA SER B 123 -0.65 -2.11 3.58
C SER B 123 -1.63 -2.91 2.75
N SER B 124 -1.74 -4.21 3.02
CA SER B 124 -2.79 -5.04 2.44
C SER B 124 -2.78 -6.41 3.12
N GLY B 125 -3.89 -7.13 3.00
CA GLY B 125 -3.94 -8.50 3.51
C GLY B 125 -2.93 -9.41 2.82
N THR B 126 -2.68 -9.13 1.54
CA THR B 126 -1.70 -9.89 0.78
C THR B 126 -0.31 -9.73 1.40
N ASP B 127 0.03 -8.51 1.80
CA ASP B 127 1.30 -8.25 2.45
C ASP B 127 1.38 -8.86 3.85
N ALA B 128 0.24 -8.91 4.54
CA ALA B 128 0.20 -9.50 5.87
C ALA B 128 0.64 -10.97 5.84
N ILE B 129 0.12 -11.73 4.86
CA ILE B 129 0.48 -13.14 4.68
C ILE B 129 1.96 -13.29 4.31
N MET B 130 2.40 -12.47 3.36
CA MET B 130 3.78 -12.50 2.88
C MET B 130 4.76 -12.21 4.01
N ILE B 131 4.51 -11.14 4.76
CA ILE B 131 5.35 -10.78 5.89
C ILE B 131 5.26 -11.81 7.01
N GLY B 132 4.07 -12.34 7.25
CA GLY B 132 3.88 -13.32 8.29
C GLY B 132 4.69 -14.57 8.06
N LEU B 133 4.73 -15.04 6.81
CA LEU B 133 5.49 -16.24 6.46
C LEU B 133 6.98 -16.02 6.70
N LEU B 134 7.46 -14.87 6.25
CA LEU B 134 8.87 -14.52 6.41
C LEU B 134 9.29 -14.34 7.87
N ALA B 135 8.41 -13.78 8.69
CA ALA B 135 8.73 -13.55 10.10
C ALA B 135 8.74 -14.87 10.87
N LEU B 136 7.94 -15.82 10.40
CA LEU B 136 7.88 -17.14 10.99
C LEU B 136 9.10 -17.98 10.55
N GLY B 137 9.90 -17.40 9.66
CA GLY B 137 11.16 -17.99 9.29
C GLY B 137 11.17 -18.73 7.97
N LEU B 138 10.28 -18.38 7.05
CA LEU B 138 10.29 -19.00 5.72
C LEU B 138 11.60 -18.81 4.98
N ASN B 139 12.10 -19.90 4.41
CA ASN B 139 13.27 -19.88 3.54
C ASN B 139 12.83 -20.36 2.17
N PRO B 140 13.53 -19.92 1.11
CA PRO B 140 13.14 -20.29 -0.26
C PRO B 140 13.04 -21.80 -0.41
N GLY B 141 11.97 -22.30 -1.01
CA GLY B 141 11.80 -23.73 -1.16
C GLY B 141 10.96 -24.35 -0.07
N ASP B 142 10.76 -23.64 1.04
CA ASP B 142 9.90 -24.15 2.11
C ASP B 142 8.49 -24.42 1.60
N GLU B 143 7.93 -25.57 1.96
CA GLU B 143 6.63 -25.96 1.44
C GLU B 143 5.53 -25.46 2.35
N VAL B 144 4.44 -25.01 1.75
CA VAL B 144 3.33 -24.42 2.47
C VAL B 144 2.09 -25.15 2.03
N ILE B 145 1.48 -25.86 2.98
CA ILE B 145 0.27 -26.64 2.71
C ILE B 145 -0.98 -25.74 2.77
N MET B 146 -1.81 -25.83 1.74
CA MET B 146 -2.90 -24.85 1.58
C MET B 146 -3.94 -25.37 0.60
N PRO B 147 -5.15 -24.78 0.64
CA PRO B 147 -6.14 -25.21 -0.36
C PRO B 147 -5.96 -24.48 -1.69
N ALA B 148 -6.63 -24.95 -2.73
CA ALA B 148 -6.43 -24.42 -4.08
C ALA B 148 -7.60 -23.58 -4.55
N ASN B 149 -8.55 -23.32 -3.66
CA ASN B 149 -9.76 -22.59 -4.07
C ASN B 149 -9.94 -21.19 -3.47
N SER B 150 -8.85 -20.58 -3.02
CA SER B 150 -8.88 -19.26 -2.40
C SER B 150 -8.70 -18.16 -3.45
N PHE B 151 -8.80 -16.90 -3.03
CA PHE B 151 -8.44 -15.79 -3.90
C PHE B 151 -6.96 -15.95 -4.19
N SER B 152 -6.51 -15.46 -5.35
CA SER B 152 -5.13 -15.68 -5.81
C SER B 152 -4.09 -15.08 -4.86
N ALA B 153 -4.54 -14.19 -3.98
CA ALA B 153 -3.61 -13.47 -3.12
C ALA B 153 -2.89 -14.42 -2.19
N THR B 154 -3.60 -15.45 -1.76
CA THR B 154 -3.05 -16.42 -0.82
C THR B 154 -1.84 -17.09 -1.43
N GLU B 155 -2.01 -17.71 -2.59
CA GLU B 155 -0.89 -18.36 -3.26
C GLU B 155 0.19 -17.35 -3.71
N ASN B 156 -0.23 -16.13 -4.07
CA ASN B 156 0.72 -15.12 -4.50
C ASN B 156 1.66 -14.69 -3.39
N ALA B 157 1.12 -14.59 -2.18
CA ALA B 157 1.92 -14.30 -0.99
C ALA B 157 2.95 -15.39 -0.66
N VAL B 158 2.55 -16.65 -0.82
CA VAL B 158 3.47 -17.76 -0.60
C VAL B 158 4.60 -17.66 -1.60
N LEU B 159 4.23 -17.52 -2.87
CA LEU B 159 5.20 -17.51 -3.97
C LEU B 159 6.09 -16.28 -3.98
N ALA B 160 5.55 -15.11 -3.62
CA ALA B 160 6.36 -13.90 -3.64
C ALA B 160 7.43 -13.96 -2.56
N SER B 161 7.14 -14.71 -1.50
CA SER B 161 8.05 -14.77 -0.36
C SER B 161 9.13 -15.83 -0.55
N GLY B 162 9.03 -16.59 -1.64
CA GLY B 162 9.95 -17.70 -1.92
C GLY B 162 9.39 -19.08 -1.59
N GLY B 163 8.18 -19.13 -1.03
CA GLY B 163 7.61 -20.38 -0.60
C GLY B 163 7.10 -21.25 -1.75
N VAL B 164 6.81 -22.51 -1.45
CA VAL B 164 6.27 -23.43 -2.44
C VAL B 164 4.92 -23.94 -1.98
N PRO B 165 3.84 -23.56 -2.69
CA PRO B 165 2.50 -24.01 -2.31
C PRO B 165 2.35 -25.51 -2.53
N ILE B 166 1.75 -26.22 -1.60
CA ILE B 166 1.40 -27.62 -1.75
C ILE B 166 -0.10 -27.77 -1.52
N TYR B 167 -0.86 -28.05 -2.57
CA TYR B 167 -2.31 -28.01 -2.50
C TYR B 167 -2.91 -29.33 -2.02
N VAL B 168 -3.86 -29.22 -1.09
CA VAL B 168 -4.48 -30.35 -0.45
C VAL B 168 -6.00 -30.18 -0.57
N ASP B 169 -6.72 -31.30 -0.70
CA ASP B 169 -8.16 -31.30 -0.91
C ASP B 169 -8.93 -30.69 0.25
N ILE B 170 -10.12 -30.21 -0.06
CA ILE B 170 -10.99 -29.57 0.93
C ILE B 170 -12.08 -30.51 1.40
N ASN B 171 -12.75 -30.13 2.47
CA ASN B 171 -14.05 -30.66 2.82
C ASN B 171 -15.05 -30.01 1.87
N PRO B 172 -15.78 -30.83 1.10
CA PRO B 172 -16.69 -30.31 0.07
C PRO B 172 -17.91 -29.60 0.63
N GLN B 173 -18.27 -29.87 1.89
CA GLN B 173 -19.41 -29.21 2.53
C GLN B 173 -19.08 -27.79 2.97
N THR B 174 -17.89 -27.61 3.54
CA THR B 174 -17.53 -26.35 4.19
C THR B 174 -16.63 -25.50 3.28
N PHE B 175 -16.11 -26.11 2.21
CA PHE B 175 -15.15 -25.45 1.30
C PHE B 175 -13.78 -25.16 1.93
N CYS B 176 -13.55 -25.65 3.14
CA CYS B 176 -12.28 -25.40 3.82
C CYS B 176 -11.35 -26.62 3.74
N ILE B 177 -10.05 -26.35 3.86
CA ILE B 177 -9.05 -27.39 3.78
C ILE B 177 -9.37 -28.57 4.71
N ASP B 178 -9.22 -29.79 4.18
CA ASP B 178 -9.58 -31.00 4.91
C ASP B 178 -8.40 -31.40 5.78
N PRO B 179 -8.53 -31.23 7.11
CA PRO B 179 -7.45 -31.57 8.03
C PRO B 179 -7.02 -33.01 7.81
N ASP B 180 -7.99 -33.87 7.49
CA ASP B 180 -7.73 -35.28 7.23
C ASP B 180 -6.87 -35.55 6.00
N LYS B 181 -6.59 -34.52 5.20
CA LYS B 181 -5.79 -34.65 4.00
C LYS B 181 -4.46 -33.90 4.09
N ILE B 182 -4.23 -33.24 5.22
CA ILE B 182 -3.02 -32.43 5.42
C ILE B 182 -1.83 -33.32 5.75
N GLU B 183 -2.04 -34.27 6.66
CA GLU B 183 -0.98 -35.16 7.11
C GLU B 183 -0.35 -35.93 5.95
N GLU B 184 -1.17 -36.41 5.02
CA GLU B 184 -0.69 -37.14 3.85
C GLU B 184 0.37 -36.35 3.09
N ALA B 185 0.27 -35.03 3.13
CA ALA B 185 1.06 -34.18 2.27
C ALA B 185 2.36 -33.70 2.90
N ILE B 186 2.49 -33.90 4.20
CA ILE B 186 3.66 -33.46 4.93
C ILE B 186 4.93 -34.18 4.44
N THR B 187 5.96 -33.41 4.10
CA THR B 187 7.25 -33.96 3.69
C THR B 187 8.31 -33.33 4.58
N PRO B 188 9.59 -33.72 4.42
CA PRO B 188 10.62 -32.99 5.18
C PRO B 188 10.66 -31.48 4.87
N TYR B 189 10.18 -31.07 3.69
CA TYR B 189 10.23 -29.65 3.33
C TYR B 189 9.03 -28.83 3.80
N THR B 190 7.99 -29.50 4.29
CA THR B 190 6.83 -28.80 4.80
C THR B 190 7.20 -28.01 6.05
N LYS B 191 6.89 -26.73 6.08
CA LYS B 191 7.16 -25.94 7.28
C LYS B 191 5.91 -25.22 7.79
N PHE B 192 4.94 -25.04 6.91
CA PHE B 192 3.75 -24.25 7.24
C PHE B 192 2.46 -24.91 6.80
N ILE B 193 1.40 -24.63 7.55
CA ILE B 193 0.06 -24.92 7.09
C ILE B 193 -0.66 -23.58 7.01
N LEU B 194 -1.36 -23.36 5.89
CA LEU B 194 -1.99 -22.06 5.63
C LEU B 194 -3.46 -22.30 5.29
N PRO B 195 -4.30 -22.46 6.31
CA PRO B 195 -5.74 -22.63 6.09
C PRO B 195 -6.38 -21.30 5.75
N VAL B 196 -7.48 -21.36 5.01
CA VAL B 196 -8.22 -20.17 4.60
C VAL B 196 -9.63 -20.32 5.12
N HIS B 197 -10.11 -19.31 5.84
CA HIS B 197 -11.49 -19.32 6.27
C HIS B 197 -12.31 -18.77 5.11
N LEU B 198 -12.58 -19.64 4.15
CA LEU B 198 -13.12 -19.21 2.86
C LEU B 198 -14.60 -18.88 2.94
N TYR B 199 -14.96 -17.75 2.33
CA TYR B 199 -16.33 -17.23 2.31
C TYR B 199 -16.78 -16.74 3.69
N GLY B 200 -15.90 -16.87 4.69
CA GLY B 200 -16.22 -16.42 6.03
C GLY B 200 -16.45 -17.60 6.97
N LYS B 201 -16.31 -18.80 6.43
CA LYS B 201 -16.48 -20.04 7.20
C LYS B 201 -15.17 -20.40 7.92
N HIS B 202 -15.27 -20.73 9.21
CA HIS B 202 -14.09 -21.08 10.00
C HIS B 202 -13.58 -22.50 9.69
N SER B 203 -12.32 -22.59 9.28
CA SER B 203 -11.66 -23.89 9.10
C SER B 203 -11.60 -24.63 10.43
N ASP B 204 -11.36 -25.94 10.35
CA ASP B 204 -11.26 -26.78 11.55
C ASP B 204 -9.90 -26.58 12.23
N MET B 205 -9.75 -25.48 12.96
CA MET B 205 -8.45 -25.07 13.47
C MET B 205 -7.88 -25.97 14.57
N GLN B 206 -8.73 -26.49 15.45
CA GLN B 206 -8.26 -27.37 16.51
C GLN B 206 -7.59 -28.62 15.98
N HIS B 207 -8.24 -29.29 15.02
CA HIS B 207 -7.65 -30.46 14.38
C HIS B 207 -6.35 -30.10 13.63
N ILE B 208 -6.34 -28.96 12.94
CA ILE B 208 -5.15 -28.51 12.23
C ILE B 208 -3.97 -28.25 13.17
N ARG B 209 -4.26 -27.69 14.34
CA ARG B 209 -3.24 -27.47 15.36
C ARG B 209 -2.65 -28.80 15.84
N GLN B 210 -3.50 -29.80 16.05
CA GLN B 210 -3.04 -31.13 16.45
C GLN B 210 -2.00 -31.66 15.48
N ILE B 211 -2.32 -31.61 14.19
CA ILE B 211 -1.41 -32.08 13.17
C ILE B 211 -0.13 -31.25 13.15
N ALA B 212 -0.29 -29.93 13.30
CA ALA B 212 0.85 -29.02 13.30
C ALA B 212 1.81 -29.30 14.45
N ASN B 213 1.25 -29.43 15.66
CA ASN B 213 2.02 -29.85 16.82
C ASN B 213 2.76 -31.16 16.59
N ARG B 214 2.04 -32.15 16.08
CA ARG B 214 2.60 -33.48 15.85
C ARG B 214 3.82 -33.46 14.94
N TYR B 215 3.82 -32.57 13.94
CA TYR B 215 4.93 -32.50 12.99
C TYR B 215 5.75 -31.21 13.11
N LYS B 216 5.53 -30.49 14.21
CA LYS B 216 6.25 -29.23 14.47
C LYS B 216 6.14 -28.22 13.31
N LEU B 217 4.92 -27.89 12.93
CA LEU B 217 4.70 -26.93 11.87
C LEU B 217 4.11 -25.64 12.41
N LYS B 218 4.37 -24.55 11.69
CA LYS B 218 3.76 -23.27 12.01
C LYS B 218 2.43 -23.16 11.28
N VAL B 219 1.47 -22.53 11.93
CA VAL B 219 0.17 -22.29 11.32
C VAL B 219 -0.02 -20.79 11.10
N ILE B 220 -0.25 -20.40 9.85
CA ILE B 220 -0.63 -19.03 9.54
C ILE B 220 -1.94 -19.08 8.80
N GLU B 221 -2.98 -18.47 9.37
CA GLU B 221 -4.28 -18.52 8.76
C GLU B 221 -4.58 -17.28 7.94
N ASP B 222 -5.23 -17.51 6.80
CA ASP B 222 -5.72 -16.44 5.98
C ASP B 222 -7.16 -16.22 6.43
N ALA B 223 -7.34 -15.25 7.33
CA ALA B 223 -8.64 -14.87 7.84
C ALA B 223 -9.12 -13.58 7.20
N CYS B 224 -8.66 -13.32 5.97
CA CYS B 224 -8.96 -12.05 5.32
C CYS B 224 -10.45 -11.84 5.06
N GLN B 225 -11.22 -12.93 5.07
CA GLN B 225 -12.67 -12.84 4.89
C GLN B 225 -13.38 -13.18 6.19
N GLY B 226 -12.62 -13.36 7.27
CA GLY B 226 -13.18 -13.92 8.49
C GLY B 226 -13.29 -13.04 9.73
N ILE B 227 -13.18 -11.73 9.56
CA ILE B 227 -13.26 -10.83 10.72
C ILE B 227 -14.61 -11.02 11.44
N GLY B 228 -14.55 -11.20 12.75
CA GLY B 228 -15.75 -11.42 13.54
C GLY B 228 -16.00 -12.85 13.99
N LEU B 229 -15.19 -13.78 13.49
CA LEU B 229 -15.32 -15.19 13.87
C LEU B 229 -14.93 -15.42 15.34
N THR B 230 -15.77 -16.14 16.06
CA THR B 230 -15.50 -16.51 17.45
C THR B 230 -14.25 -17.38 17.51
N ASP B 231 -13.36 -17.05 18.43
CA ASP B 231 -12.10 -17.78 18.65
C ASP B 231 -11.14 -17.69 17.48
N LEU B 232 -11.32 -16.68 16.61
CA LEU B 232 -10.36 -16.45 15.54
C LEU B 232 -8.95 -16.35 16.13
N GLY B 233 -8.03 -17.16 15.61
CA GLY B 233 -6.64 -17.06 16.00
C GLY B 233 -6.22 -17.89 17.19
N LYS B 234 -7.18 -18.54 17.85
CA LYS B 234 -6.90 -19.32 19.05
C LYS B 234 -5.80 -20.37 18.87
N TYR B 235 -5.79 -21.02 17.71
CA TYR B 235 -4.84 -22.09 17.45
C TYR B 235 -3.83 -21.70 16.39
N ALA B 236 -3.81 -20.42 16.01
CA ALA B 236 -2.87 -19.96 14.99
C ALA B 236 -1.62 -19.32 15.59
N ASP B 237 -0.48 -19.50 14.91
CA ASP B 237 0.72 -18.74 15.25
C ASP B 237 0.54 -17.29 14.76
N ILE B 238 0.09 -17.14 13.52
CA ILE B 238 -0.21 -15.83 12.95
C ILE B 238 -1.59 -15.80 12.34
N THR B 239 -2.33 -14.75 12.62
CA THR B 239 -3.60 -14.50 11.98
C THR B 239 -3.45 -13.31 11.04
N THR B 240 -3.93 -13.42 9.81
CA THR B 240 -3.87 -12.28 8.90
C THR B 240 -5.27 -11.82 8.53
N LEU B 241 -5.43 -10.50 8.41
CA LEU B 241 -6.70 -9.90 8.04
C LEU B 241 -6.52 -8.96 6.86
N SER B 242 -7.63 -8.65 6.20
CA SER B 242 -7.70 -7.67 5.14
C SER B 242 -8.76 -6.63 5.47
N PHE B 243 -8.46 -5.36 5.22
CA PHE B 243 -9.46 -4.29 5.35
C PHE B 243 -9.67 -3.62 3.98
N ASN B 244 -9.50 -4.39 2.92
CA ASN B 244 -9.97 -4.02 1.60
C ASN B 244 -11.44 -3.54 1.69
N PRO B 245 -11.82 -2.51 0.90
CA PRO B 245 -13.15 -1.90 1.00
C PRO B 245 -14.34 -2.87 0.86
N TYR B 246 -14.11 -4.05 0.29
CA TYR B 246 -15.21 -4.95 -0.01
C TYR B 246 -15.36 -6.03 1.05
N1 LLP B 247 -7.09 -13.78 0.93
C2 LLP B 247 -8.45 -13.86 0.75
C2' LLP B 247 -9.17 -15.15 1.04
C3 LLP B 247 -9.13 -12.73 0.29
O3 LLP B 247 -10.35 -12.77 0.11
C4 LLP B 247 -8.47 -11.55 0.02
C4' LLP B 247 -9.36 -10.40 -0.47
C5 LLP B 247 -7.07 -11.52 0.22
C6 LLP B 247 -6.41 -12.63 0.66
C5' LLP B 247 -6.17 -10.36 -0.04
OP4 LLP B 247 -6.32 -9.19 0.75
P LLP B 247 -5.86 -7.76 0.22
OP1 LLP B 247 -4.47 -7.91 -0.27
OP2 LLP B 247 -6.87 -7.51 -0.87
OP3 LLP B 247 -6.07 -6.94 1.44
N LLP B 247 -14.51 -5.99 2.06
CA LLP B 247 -14.53 -6.99 3.13
CB LLP B 247 -13.12 -7.17 3.74
CG LLP B 247 -12.01 -7.65 2.78
CD LLP B 247 -12.06 -9.09 2.18
CE LLP B 247 -10.81 -9.22 1.22
NZ LLP B 247 -10.54 -10.40 0.29
C LLP B 247 -15.65 -6.69 4.16
O LLP B 247 -16.29 -5.64 4.07
N ASN B 248 -15.91 -7.63 5.07
CA ASN B 248 -16.93 -7.43 6.12
C ASN B 248 -16.70 -6.13 6.88
N PHE B 249 -15.43 -5.87 7.17
CA PHE B 249 -15.02 -4.53 7.58
C PHE B 249 -13.83 -4.10 6.74
N GLY B 250 -13.94 -2.93 6.13
CA GLY B 250 -12.90 -2.39 5.28
C GLY B 250 -12.67 -0.89 5.42
N VAL B 251 -11.53 -0.41 4.95
CA VAL B 251 -11.21 1.03 4.98
C VAL B 251 -11.57 1.67 3.64
N CYS B 252 -10.84 2.71 3.24
CA CYS B 252 -11.09 3.34 1.94
C CYS B 252 -9.84 3.29 1.06
N GLY B 253 -9.34 2.07 0.87
CA GLY B 253 -8.12 1.80 0.13
C GLY B 253 -7.62 0.44 0.58
N LYS B 254 -6.34 0.17 0.38
CA LYS B 254 -5.81 -1.14 0.76
C LYS B 254 -5.24 -1.08 2.17
N ALA B 255 -5.47 -2.14 2.93
CA ALA B 255 -4.84 -2.33 4.23
C ALA B 255 -5.13 -3.74 4.71
N GLY B 256 -4.37 -4.19 5.71
CA GLY B 256 -4.64 -5.45 6.37
C GLY B 256 -3.98 -5.46 7.74
N ALA B 257 -3.79 -6.64 8.32
CA ALA B 257 -3.13 -6.71 9.61
C ALA B 257 -2.59 -8.09 9.91
N ILE B 258 -1.55 -8.12 10.73
CA ILE B 258 -1.03 -9.35 11.31
C ILE B 258 -1.35 -9.38 12.80
N ALA B 259 -1.90 -10.48 13.28
CA ALA B 259 -2.14 -10.62 14.72
C ALA B 259 -1.43 -11.85 15.30
N THR B 260 -0.82 -11.66 16.47
CA THR B 260 -0.06 -12.72 17.12
C THR B 260 0.09 -12.45 18.62
N ASP B 261 0.31 -13.51 19.38
CA ASP B 261 0.52 -13.37 20.82
C ASP B 261 2.00 -13.43 21.14
N ASN B 262 2.78 -13.91 20.18
CA ASN B 262 4.21 -14.10 20.37
C ASN B 262 4.95 -12.77 20.14
N GLU B 263 5.72 -12.34 21.14
CA GLU B 263 6.40 -11.04 21.09
C GLU B 263 7.56 -10.98 20.09
N GLU B 264 8.41 -11.99 20.12
CA GLU B 264 9.55 -12.06 19.23
C GLU B 264 9.07 -12.15 17.79
N LEU B 265 7.94 -12.81 17.57
CA LEU B 265 7.37 -12.93 16.24
C LEU B 265 6.85 -11.57 15.77
N ALA B 266 6.20 -10.85 16.69
CA ALA B 266 5.66 -9.54 16.40
C ALA B 266 6.77 -8.58 16.00
N LYS B 267 7.90 -8.67 16.69
CA LYS B 267 9.06 -7.84 16.41
C LYS B 267 9.51 -8.02 14.97
N LYS B 268 9.62 -9.28 14.54
CA LYS B 268 10.04 -9.60 13.19
C LYS B 268 9.09 -9.07 12.12
N CYS B 269 7.79 -9.22 12.35
CA CYS B 269 6.76 -8.65 11.46
C CYS B 269 6.95 -7.16 11.27
N ILE B 270 7.20 -6.44 12.36
CA ILE B 270 7.47 -5.01 12.26
C ILE B 270 8.71 -4.76 11.41
N GLN B 271 9.77 -5.50 11.68
CA GLN B 271 11.02 -5.33 10.95
C GLN B 271 10.82 -5.56 9.45
N PHE B 272 10.20 -6.68 9.09
CA PHE B 272 9.83 -6.93 7.71
C PHE B 272 8.88 -5.89 7.12
N SER B 273 7.93 -5.39 7.92
CA SER B 273 6.93 -4.46 7.41
C SER B 273 7.53 -3.10 7.04
N TYR B 274 8.71 -2.82 7.57
CA TYR B 274 9.31 -1.51 7.36
C TYR B 274 10.82 -1.59 7.18
N HIS B 275 11.21 -1.96 5.95
CA HIS B 275 12.58 -1.89 5.46
C HIS B 275 13.63 -2.69 6.21
N GLY B 276 13.21 -3.53 7.15
CA GLY B 276 14.15 -4.32 7.93
C GLY B 276 14.81 -3.50 9.02
N PHE B 277 14.29 -2.30 9.26
CA PHE B 277 14.82 -1.43 10.31
C PHE B 277 14.56 -1.99 11.71
N GLU B 278 15.42 -1.62 12.65
CA GLU B 278 15.16 -1.84 14.07
C GLU B 278 13.85 -1.12 14.44
N VAL B 279 13.00 -1.75 15.25
CA VAL B 279 11.71 -1.13 15.61
C VAL B 279 11.87 0.31 16.13
N ASN B 280 11.22 1.24 15.46
CA ASN B 280 11.26 2.66 15.81
C ASN B 280 12.65 3.30 15.72
N VAL B 281 13.53 2.72 14.92
CA VAL B 281 14.81 3.38 14.60
C VAL B 281 15.02 3.37 13.07
N LYS B 282 14.57 4.43 12.43
CA LYS B 282 14.67 4.56 10.97
C LYS B 282 16.11 4.47 10.52
N ASN B 283 16.31 3.83 9.37
CA ASN B 283 17.59 3.82 8.63
C ASN B 283 18.60 2.82 9.17
N LYS B 284 18.31 2.26 10.34
CA LYS B 284 19.19 1.27 10.95
C LYS B 284 18.62 -0.13 10.73
N LYS B 285 19.19 -0.88 9.79
CA LYS B 285 18.70 -2.22 9.47
C LYS B 285 19.23 -3.31 10.42
N VAL B 286 18.33 -4.16 10.90
CA VAL B 286 18.75 -5.31 11.70
C VAL B 286 18.49 -6.66 11.02
N ILE B 287 17.72 -6.67 9.94
CA ILE B 287 17.62 -7.88 9.11
C ILE B 287 18.05 -7.57 7.69
N ASN B 288 18.22 -8.60 6.86
CA ASN B 288 18.74 -8.45 5.50
C ASN B 288 17.97 -7.45 4.63
N PHE B 289 16.64 -7.54 4.69
CA PHE B 289 15.78 -6.61 3.98
C PHE B 289 14.36 -6.63 4.55
N GLY B 290 13.58 -5.62 4.19
CA GLY B 290 12.18 -5.60 4.51
C GLY B 290 11.44 -4.86 3.41
N PHE B 291 10.16 -4.61 3.66
CA PHE B 291 9.29 -4.02 2.66
C PHE B 291 8.85 -2.65 3.11
N ASN B 292 8.10 -1.96 2.25
CA ASN B 292 7.46 -0.72 2.67
C ASN B 292 5.98 -1.00 2.83
N SER B 293 5.63 -1.72 3.89
CA SER B 293 4.28 -2.29 3.98
C SER B 293 3.46 -2.08 5.26
N LYS B 294 3.70 -0.99 5.98
CA LYS B 294 2.77 -0.63 7.07
C LYS B 294 1.48 -0.05 6.49
N MET B 295 0.40 -0.12 7.24
CA MET B 295 -0.82 0.61 6.91
C MET B 295 -0.56 2.11 7.03
N ASP B 296 -1.28 2.92 6.26
CA ASP B 296 -1.16 4.38 6.35
C ASP B 296 -1.96 4.96 7.51
N ASN B 297 -1.39 5.96 8.17
CA ASN B 297 -2.08 6.69 9.25
C ASN B 297 -3.48 7.15 8.84
N LEU B 298 -3.60 7.62 7.60
CA LEU B 298 -4.88 8.15 7.12
C LEU B 298 -5.93 7.06 6.96
N GLN B 299 -5.54 5.89 6.48
CA GLN B 299 -6.49 4.79 6.38
C GLN B 299 -6.85 4.26 7.77
N ALA B 300 -5.92 4.37 8.72
CA ALA B 300 -6.21 3.96 10.09
C ALA B 300 -7.29 4.84 10.72
N ALA B 301 -7.23 6.14 10.46
CA ALA B 301 -8.25 7.10 10.92
C ALA B 301 -9.65 6.77 10.34
N ILE B 302 -9.68 6.44 9.06
CA ILE B 302 -10.91 6.01 8.39
C ILE B 302 -11.41 4.69 8.96
N GLY B 303 -10.47 3.77 9.19
CA GLY B 303 -10.78 2.51 9.85
C GLY B 303 -11.46 2.68 11.22
N LEU B 304 -10.99 3.65 12.01
CA LEU B 304 -11.57 3.86 13.34
C LEU B 304 -13.02 4.34 13.23
N GLU B 305 -13.37 4.96 12.09
CA GLU B 305 -14.77 5.31 11.84
C GLU B 305 -15.58 4.13 11.33
N ARG B 306 -15.09 3.46 10.30
CA ARG B 306 -15.88 2.44 9.64
C ARG B 306 -16.11 1.21 10.53
N MET B 307 -15.16 0.95 11.42
CA MET B 307 -15.25 -0.15 12.37
C MET B 307 -16.46 -0.05 13.33
N LYS B 308 -17.01 1.15 13.48
CA LYS B 308 -18.18 1.36 14.34
C LYS B 308 -19.39 0.60 13.82
N TYR B 309 -19.35 0.20 12.55
CA TYR B 309 -20.48 -0.48 11.91
C TYR B 309 -20.30 -1.98 11.86
N LEU B 310 -19.15 -2.49 12.30
CA LEU B 310 -18.84 -3.91 12.09
C LEU B 310 -19.84 -4.89 12.72
N SER B 311 -20.09 -4.74 14.03
CA SER B 311 -20.94 -5.71 14.73
C SER B 311 -22.33 -5.73 14.12
N LEU B 312 -22.87 -4.54 13.86
CA LEU B 312 -24.18 -4.41 13.24
C LEU B 312 -24.18 -4.99 11.82
N ASN B 313 -23.14 -4.67 11.05
CA ASN B 313 -23.04 -5.19 9.69
C ASN B 313 -22.90 -6.69 9.64
N ASN B 314 -22.11 -7.24 10.55
CA ASN B 314 -22.00 -8.68 10.63
C ASN B 314 -23.34 -9.33 11.03
N PHE B 315 -24.07 -8.67 11.91
CA PHE B 315 -25.38 -9.17 12.30
C PHE B 315 -26.37 -9.18 11.14
N LYS B 316 -26.36 -8.11 10.33
CA LYS B 316 -27.22 -8.04 9.17
C LYS B 316 -26.89 -9.11 8.12
N ARG B 317 -25.60 -9.48 8.03
CA ARG B 317 -25.19 -10.51 7.07
C ARG B 317 -25.78 -11.83 7.50
N LEU B 318 -25.69 -12.09 8.80
CA LEU B 318 -26.27 -13.29 9.41
C LEU B 318 -27.78 -13.39 9.17
N PHE B 319 -28.50 -12.29 9.39
CA PHE B 319 -29.93 -12.29 9.20
C PHE B 319 -30.25 -12.61 7.75
N LEU B 320 -29.42 -12.09 6.86
CA LEU B 320 -29.61 -12.33 5.43
C LEU B 320 -29.38 -13.80 5.09
N ALA B 321 -28.31 -14.39 5.63
CA ALA B 321 -28.00 -15.78 5.34
C ALA B 321 -29.07 -16.70 5.92
N ASP B 322 -29.51 -16.38 7.13
CA ASP B 322 -30.58 -17.11 7.77
C ASP B 322 -31.87 -17.04 6.95
N ARG B 323 -32.17 -15.86 6.42
CA ARG B 323 -33.35 -15.70 5.57
C ARG B 323 -33.27 -16.56 4.30
N TYR B 324 -32.09 -16.61 3.67
CA TYR B 324 -31.88 -17.45 2.49
C TYR B 324 -32.09 -18.92 2.83
N ILE B 325 -31.44 -19.39 3.89
CA ILE B 325 -31.47 -20.80 4.29
C ILE B 325 -32.88 -21.31 4.62
N THR B 326 -33.67 -20.49 5.29
CA THR B 326 -35.06 -20.81 5.61
C THR B 326 -36.00 -20.78 4.39
N GLN B 327 -36.07 -19.64 3.68
CA GLN B 327 -37.02 -19.50 2.58
C GLN B 327 -36.68 -20.33 1.34
N LEU B 328 -35.43 -20.75 1.21
CA LEU B 328 -35.04 -21.63 0.11
C LEU B 328 -35.07 -23.11 0.47
N ALA B 329 -35.55 -23.45 1.66
CA ALA B 329 -35.49 -24.83 2.16
C ALA B 329 -36.02 -25.88 1.17
N GLU B 330 -37.14 -25.56 0.54
CA GLU B 330 -37.84 -26.46 -0.34
C GLU B 330 -36.95 -26.92 -1.50
N LEU B 331 -36.13 -26.01 -2.02
CA LEU B 331 -35.25 -26.35 -3.13
C LEU B 331 -34.20 -27.36 -2.70
N GLN B 332 -33.82 -27.30 -1.43
CA GLN B 332 -32.88 -28.27 -0.91
C GLN B 332 -33.59 -29.57 -0.59
N ASN B 333 -34.81 -29.47 -0.04
CA ASN B 333 -35.62 -30.65 0.27
C ASN B 333 -35.86 -31.52 -0.97
N LYS B 334 -36.19 -30.87 -2.07
CA LYS B 334 -36.43 -31.57 -3.33
C LYS B 334 -35.14 -31.95 -4.05
N GLY B 335 -34.01 -31.72 -3.39
CA GLY B 335 -32.71 -32.09 -3.92
C GLY B 335 -32.17 -31.24 -5.06
N TYR B 336 -32.77 -30.07 -5.26
CA TYR B 336 -32.35 -29.22 -6.37
C TYR B 336 -31.04 -28.49 -6.09
N ILE B 337 -30.86 -28.03 -4.86
CA ILE B 337 -29.65 -27.32 -4.49
C ILE B 337 -29.19 -27.79 -3.12
N GLU B 338 -27.97 -27.37 -2.76
CA GLU B 338 -27.48 -27.53 -1.40
C GLU B 338 -27.28 -26.16 -0.78
N LEU B 339 -27.78 -25.99 0.44
CA LEU B 339 -27.66 -24.73 1.15
C LEU B 339 -26.57 -24.85 2.20
N PRO B 340 -25.91 -23.74 2.50
CA PRO B 340 -24.94 -23.78 3.60
C PRO B 340 -25.62 -24.04 4.94
N GLU B 341 -24.86 -24.45 5.93
CA GLU B 341 -25.41 -24.76 7.25
C GLU B 341 -25.35 -23.54 8.15
N LEU B 342 -26.46 -23.27 8.85
CA LEU B 342 -26.53 -22.11 9.72
C LEU B 342 -25.70 -22.37 10.97
N SER B 343 -24.43 -21.97 10.92
CA SER B 343 -23.50 -22.28 11.98
C SER B 343 -23.00 -21.04 12.67
N GLU B 344 -22.46 -21.25 13.86
CA GLU B 344 -21.87 -20.19 14.67
C GLU B 344 -20.50 -19.80 14.16
N ASP B 345 -19.88 -20.65 13.34
CA ASP B 345 -18.52 -20.38 12.90
C ASP B 345 -18.48 -19.88 11.45
N HIS B 346 -19.32 -18.90 11.16
CA HIS B 346 -19.43 -18.34 9.82
C HIS B 346 -19.78 -16.86 9.98
N VAL B 347 -19.10 -15.98 9.23
CA VAL B 347 -19.48 -14.57 9.24
C VAL B 347 -20.04 -14.12 7.91
N TRP B 348 -20.25 -15.08 7.00
CA TRP B 348 -21.02 -14.83 5.80
C TRP B 348 -20.50 -13.69 4.93
N HIS B 349 -19.19 -13.71 4.67
CA HIS B 349 -18.61 -12.73 3.75
C HIS B 349 -19.23 -12.93 2.37
N LEU B 350 -19.38 -14.20 1.98
CA LEU B 350 -20.03 -14.61 0.73
C LEU B 350 -21.05 -15.69 1.06
N PHE B 351 -22.07 -15.86 0.22
CA PHE B 351 -23.12 -16.86 0.48
C PHE B 351 -23.16 -17.95 -0.58
N PRO B 352 -22.56 -19.11 -0.28
CA PRO B 352 -22.47 -20.19 -1.27
C PRO B 352 -23.58 -21.23 -1.20
N ILE B 353 -24.28 -21.43 -2.31
CA ILE B 353 -25.19 -22.57 -2.42
C ILE B 353 -24.57 -23.47 -3.48
N LYS B 354 -25.00 -24.72 -3.56
CA LYS B 354 -24.53 -25.62 -4.61
C LYS B 354 -25.66 -25.97 -5.57
N VAL B 355 -25.39 -25.87 -6.88
CA VAL B 355 -26.34 -26.33 -7.90
C VAL B 355 -25.70 -27.42 -8.76
N ARG B 356 -26.52 -28.06 -9.60
CA ARG B 356 -26.05 -29.10 -10.51
C ARG B 356 -24.96 -28.56 -11.45
N THR B 357 -23.84 -29.27 -11.53
CA THR B 357 -22.69 -28.88 -12.32
C THR B 357 -23.07 -28.53 -13.76
N GLU B 358 -23.93 -29.36 -14.33
CA GLU B 358 -24.30 -29.24 -15.73
C GLU B 358 -25.23 -28.04 -15.99
N ASP B 359 -25.91 -27.56 -14.95
CA ASP B 359 -26.91 -26.51 -15.12
C ASP B 359 -26.47 -25.10 -14.71
N ARG B 360 -25.34 -24.99 -14.01
CA ARG B 360 -24.95 -23.72 -13.40
C ARG B 360 -24.89 -22.55 -14.36
N ALA B 361 -24.15 -22.71 -15.46
CA ALA B 361 -24.04 -21.65 -16.46
C ALA B 361 -25.43 -21.20 -16.92
N ASP B 362 -26.31 -22.19 -17.12
CA ASP B 362 -27.68 -21.92 -17.56
C ASP B 362 -28.51 -21.24 -16.48
N ILE B 363 -28.36 -21.70 -15.24
CA ILE B 363 -29.04 -21.08 -14.12
C ILE B 363 -28.65 -19.61 -13.99
N MET B 364 -27.36 -19.33 -14.08
CA MET B 364 -26.88 -17.95 -13.95
C MET B 364 -27.38 -17.08 -15.08
N THR B 365 -27.32 -17.60 -16.30
CA THR B 365 -27.77 -16.86 -17.46
C THR B 365 -29.27 -16.51 -17.38
N LYS B 366 -30.07 -17.50 -16.98
CA LYS B 366 -31.52 -17.29 -16.87
C LYS B 366 -31.90 -16.33 -15.73
N LEU B 367 -31.17 -16.39 -14.62
CA LEU B 367 -31.43 -15.48 -13.50
C LEU B 367 -31.24 -14.05 -13.94
N ASN B 368 -30.20 -13.83 -14.73
CA ASN B 368 -29.86 -12.50 -15.21
C ASN B 368 -30.74 -12.00 -16.36
N GLU B 369 -31.00 -12.85 -17.35
CA GLU B 369 -31.76 -12.44 -18.54
C GLU B 369 -33.24 -12.30 -18.24
N ASP B 370 -33.79 -13.26 -17.52
CA ASP B 370 -35.22 -13.27 -17.23
C ASP B 370 -35.61 -12.39 -16.04
N PHE B 371 -34.68 -12.16 -15.11
CA PHE B 371 -35.05 -11.46 -13.87
C PHE B 371 -34.11 -10.34 -13.43
N GLY B 372 -33.02 -10.14 -14.15
CA GLY B 372 -32.06 -9.11 -13.78
C GLY B 372 -31.27 -9.44 -12.52
N VAL B 373 -31.33 -10.71 -12.08
CA VAL B 373 -30.62 -11.15 -10.89
C VAL B 373 -29.18 -11.55 -11.19
N GLN B 374 -28.23 -10.73 -10.73
CA GLN B 374 -26.80 -11.01 -10.91
C GLN B 374 -26.28 -11.94 -9.80
N THR B 375 -25.75 -13.09 -10.18
CA THR B 375 -25.04 -13.98 -9.26
C THR B 375 -23.57 -14.09 -9.66
N ASP B 376 -22.77 -14.80 -8.88
CA ASP B 376 -21.35 -14.90 -9.20
C ASP B 376 -20.68 -16.18 -8.68
N VAL B 377 -19.45 -16.40 -9.14
CA VAL B 377 -18.64 -17.55 -8.71
C VAL B 377 -17.23 -17.12 -8.27
N TYR B 378 -17.03 -17.08 -6.96
CA TYR B 378 -15.73 -16.76 -6.37
C TYR B 378 -15.06 -18.09 -6.02
N TYR B 379 -14.02 -18.48 -6.74
CA TYR B 379 -13.40 -17.71 -7.79
C TYR B 379 -13.36 -18.62 -9.00
N PRO B 380 -13.37 -18.05 -10.22
CA PRO B 380 -13.53 -18.85 -11.45
C PRO B 380 -12.47 -19.93 -11.66
N ILE B 381 -11.22 -19.67 -11.30
CA ILE B 381 -10.16 -20.64 -11.60
C ILE B 381 -9.39 -21.11 -10.37
N LEU B 382 -9.28 -22.43 -10.21
CA LEU B 382 -8.50 -23.03 -9.15
C LEU B 382 -6.98 -22.89 -9.38
N SER B 383 -6.24 -22.78 -8.28
CA SER B 383 -4.79 -22.55 -8.31
C SER B 383 -4.04 -23.51 -9.23
N HIS B 384 -4.41 -24.78 -9.21
CA HIS B 384 -3.66 -25.79 -9.95
C HIS B 384 -4.11 -25.86 -11.41
N MET B 385 -5.05 -24.97 -11.77
CA MET B 385 -5.52 -24.90 -13.15
C MET B 385 -5.26 -23.56 -13.81
N GLN B 386 -4.54 -22.68 -13.13
CA GLN B 386 -4.15 -21.41 -13.74
C GLN B 386 -3.19 -21.71 -14.88
N LYS B 387 -3.30 -20.98 -15.98
CA LYS B 387 -2.39 -21.19 -17.11
C LYS B 387 -1.12 -20.36 -16.97
N THR B 388 -0.23 -20.83 -16.10
CA THR B 388 1.02 -20.15 -15.86
C THR B 388 2.14 -21.15 -16.11
N PRO B 389 3.36 -20.66 -16.39
CA PRO B 389 4.46 -21.58 -16.59
C PRO B 389 4.64 -22.50 -15.39
N LEU B 390 4.59 -21.95 -14.17
CA LEU B 390 4.77 -22.73 -12.95
C LEU B 390 3.79 -23.88 -12.85
N VAL B 391 2.53 -23.60 -13.16
CA VAL B 391 1.48 -24.61 -13.04
C VAL B 391 1.64 -25.70 -14.09
N GLN B 392 1.83 -25.27 -15.33
CA GLN B 392 2.02 -26.21 -16.43
C GLN B 392 3.29 -27.05 -16.21
N ASP B 393 4.24 -26.50 -15.47
CA ASP B 393 5.48 -27.21 -15.19
C ASP B 393 5.41 -28.13 -13.97
N LYS B 394 4.96 -27.60 -12.83
CA LYS B 394 5.11 -28.29 -11.56
C LYS B 394 3.83 -28.84 -10.93
N TYR B 395 2.65 -28.44 -11.44
CA TYR B 395 1.40 -28.90 -10.82
C TYR B 395 0.57 -29.71 -11.82
N ALA B 396 1.23 -30.31 -12.79
CA ALA B 396 0.58 -31.18 -13.76
C ALA B 396 0.38 -32.59 -13.18
N GLY B 397 -0.85 -33.08 -13.20
CA GLY B 397 -1.17 -34.40 -12.67
C GLY B 397 -1.83 -34.36 -11.30
N LEU B 398 -1.79 -33.17 -10.70
CA LEU B 398 -2.45 -32.92 -9.43
C LEU B 398 -3.96 -33.00 -9.62
N GLN B 399 -4.61 -33.90 -8.89
CA GLN B 399 -6.06 -34.01 -8.86
C GLN B 399 -6.58 -33.78 -7.44
N LEU B 400 -7.61 -32.93 -7.33
CA LEU B 400 -8.22 -32.58 -6.06
C LEU B 400 -9.73 -32.71 -6.23
N VAL B 401 -10.23 -33.94 -6.08
CA VAL B 401 -11.59 -34.32 -6.47
C VAL B 401 -12.67 -33.48 -5.80
N HIS B 402 -12.60 -33.33 -4.49
CA HIS B 402 -13.59 -32.54 -3.76
C HIS B 402 -13.51 -31.07 -4.10
N THR B 403 -12.30 -30.53 -4.21
CA THR B 403 -12.13 -29.12 -4.55
C THR B 403 -12.76 -28.85 -5.91
N GLU B 404 -12.44 -29.72 -6.86
CA GLU B 404 -12.91 -29.53 -8.22
C GLU B 404 -14.43 -29.67 -8.34
N LYS B 405 -14.99 -30.71 -7.74
CA LYS B 405 -16.43 -30.94 -7.77
C LYS B 405 -17.21 -29.77 -7.13
N ALA B 406 -16.79 -29.38 -5.93
CA ALA B 406 -17.46 -28.32 -5.20
C ALA B 406 -17.36 -26.99 -5.94
N HIS B 407 -16.20 -26.78 -6.58
CA HIS B 407 -15.96 -25.58 -7.35
C HIS B 407 -16.87 -25.50 -8.58
N SER B 408 -17.26 -26.66 -9.09
CA SER B 408 -18.11 -26.75 -10.29
C SER B 408 -19.58 -26.59 -9.94
N GLN B 409 -19.90 -26.66 -8.65
CA GLN B 409 -21.30 -26.59 -8.23
C GLN B 409 -21.66 -25.28 -7.55
N VAL B 410 -20.64 -24.57 -7.07
CA VAL B 410 -20.87 -23.43 -6.19
C VAL B 410 -21.45 -22.22 -6.93
N LEU B 411 -22.38 -21.55 -6.26
CA LEU B 411 -23.00 -20.35 -6.81
C LEU B 411 -23.20 -19.36 -5.68
N HIS B 412 -22.65 -18.17 -5.82
CA HIS B 412 -22.79 -17.17 -4.78
C HIS B 412 -23.97 -16.23 -5.02
N LEU B 413 -24.80 -16.07 -3.99
CA LEU B 413 -25.93 -15.17 -4.04
C LEU B 413 -25.56 -13.84 -3.40
N PRO B 414 -26.15 -12.73 -3.92
CA PRO B 414 -25.87 -11.42 -3.36
C PRO B 414 -26.11 -11.38 -1.84
N LEU B 415 -25.16 -10.81 -1.11
CA LEU B 415 -25.30 -10.65 0.34
C LEU B 415 -24.24 -9.64 0.82
N TYR B 416 -24.72 -8.50 1.31
CA TYR B 416 -23.86 -7.48 1.90
C TYR B 416 -24.79 -6.71 2.86
N PRO B 417 -24.22 -5.90 3.77
CA PRO B 417 -25.07 -5.32 4.83
C PRO B 417 -26.20 -4.42 4.34
N SER B 418 -25.93 -3.63 3.29
CA SER B 418 -26.92 -2.68 2.77
C SER B 418 -27.83 -3.27 1.70
N PHE B 419 -27.75 -4.59 1.53
CA PHE B 419 -28.63 -5.30 0.64
C PHE B 419 -30.06 -5.23 1.22
N THR B 420 -31.08 -5.07 0.36
CA THR B 420 -32.45 -4.99 0.87
C THR B 420 -33.17 -6.33 0.84
N LEU B 421 -34.09 -6.53 1.78
CA LEU B 421 -34.87 -7.75 1.84
C LEU B 421 -35.76 -7.94 0.60
N GLU B 422 -36.28 -6.85 0.04
CA GLU B 422 -37.06 -6.96 -1.19
C GLU B 422 -36.21 -7.39 -2.41
N GLU B 423 -34.94 -7.01 -2.45
CA GLU B 423 -34.04 -7.54 -3.46
C GLU B 423 -33.83 -9.01 -3.21
N GLN B 424 -33.69 -9.35 -1.93
CA GLN B 424 -33.51 -10.75 -1.55
C GLN B 424 -34.73 -11.59 -1.94
N ASP B 425 -35.94 -11.01 -1.82
CA ASP B 425 -37.17 -11.69 -2.23
C ASP B 425 -37.07 -12.06 -3.69
N ARG B 426 -36.59 -11.14 -4.49
CA ARG B 426 -36.48 -11.33 -5.90
C ARG B 426 -35.40 -12.29 -6.31
N VAL B 427 -34.29 -12.31 -5.59
CA VAL B 427 -33.29 -13.37 -5.79
C VAL B 427 -33.93 -14.75 -5.59
N MET B 428 -34.65 -14.89 -4.49
CA MET B 428 -35.23 -16.18 -4.14
C MET B 428 -36.34 -16.64 -5.09
N GLU B 429 -37.19 -15.70 -5.51
CA GLU B 429 -38.22 -15.99 -6.49
C GLU B 429 -37.63 -16.50 -7.79
N GLY B 430 -36.62 -15.78 -8.30
CA GLY B 430 -35.91 -16.19 -9.50
C GLY B 430 -35.37 -17.61 -9.39
N LEU B 431 -34.73 -17.90 -8.27
CA LEU B 431 -34.19 -19.24 -8.04
C LEU B 431 -35.25 -20.33 -8.12
N PHE B 432 -36.41 -20.09 -7.51
CA PHE B 432 -37.51 -21.05 -7.57
C PHE B 432 -37.95 -21.29 -9.01
N HIS B 433 -38.07 -20.22 -9.79
CA HIS B 433 -38.54 -20.32 -11.16
C HIS B 433 -37.58 -21.02 -12.13
N VAL B 434 -36.31 -20.63 -12.10
CA VAL B 434 -35.35 -21.14 -13.09
C VAL B 434 -34.95 -22.60 -12.84
N ILE B 435 -34.92 -23.00 -11.57
CA ILE B 435 -34.42 -24.33 -11.22
C ILE B 435 -35.50 -25.40 -11.33
N LYS B 436 -35.17 -26.48 -12.03
CA LYS B 436 -36.13 -27.54 -12.34
C LYS B 436 -35.51 -28.95 -12.32
N GLN B 437 -34.19 -29.04 -12.28
CA GLN B 437 -33.50 -30.34 -12.22
C GLN B 437 -32.76 -30.54 -10.89
N GLU B 438 -32.60 -31.79 -10.48
CA GLU B 438 -31.84 -32.12 -9.28
C GLU B 438 -30.32 -32.00 -9.52
N ILE B 439 -29.52 -32.26 -8.48
CA ILE B 439 -28.06 -32.24 -8.61
C ILE B 439 -27.51 -33.53 -9.25
#